data_5DTF
#
_entry.id   5DTF
#
_cell.length_a   130.120
_cell.length_b   75.770
_cell.length_c   120.610
_cell.angle_alpha   90.000
_cell.angle_beta   120.660
_cell.angle_gamma   90.000
#
_symmetry.space_group_name_H-M   'C 1 2 1'
#
loop_
_entity.id
_entity.type
_entity.pdbx_description
1 polymer 'Fab Hpu98.61 Heavy Chain'
2 polymer 'Fab Hpu98.61 Light Chain'
3 polymer 'Peptide: GLY-5CT-GLY-ALA'
4 non-polymer 1,2-ETHANEDIOL
5 non-polymer Hypusine
6 water water
#
loop_
_entity_poly.entity_id
_entity_poly.type
_entity_poly.pdbx_seq_one_letter_code
_entity_poly.pdbx_strand_id
1 'polypeptide(L)'
;ATATGAYAQSVEESGGRLVTPGTPLTLTCTVSACSLYHCTMNWVRQAPGKGLEWIGDIYTDGNTYYANWAKGRFTISKTS
TTVDLKITSPTTEDTATYFCARDSWDASSYYGLDLWGQGTLVTVSSGQPKGPSVFPLAPCCGDTPSSTVTLGCLVKGYLP
EPVTVTWNSGTLTNGVRTFPSVRQSSGLYSLSSVVSVTSSSQPVTCNVAHPATNTKVDKTVAPSTCSKPT
;
H,A
2 'polypeptide(L)'
;AIKMTQTPSSVSAAVGGTVTINCQASEDIKRYLAWYQQKPGQPPKLLIYAASKLASGVSSRFKGSGSGTEYTLTISGVQC
DDAATYYCQQGYTSSNVNNAFGGGTEVVVKGDPVAPTVLIFPPAADQVATGTVTIVCVANKYFPDVTVTWEVDGTTQTTG
IENSKTPQNSADCTYNLSSTLTLTSTQYNSHKEYTCKVTQGTTSVVQSFNRGDC
;
L,B
3 'polypeptide(L)' G(5CT)GA P
#
# COMPACT_ATOMS: atom_id res chain seq x y z
N GLU A 12 16.85 13.74 -21.21
CA GLU A 12 16.93 14.73 -20.13
C GLU A 12 16.32 14.16 -18.84
N GLU A 13 17.20 13.91 -17.86
CA GLU A 13 16.81 13.20 -16.64
C GLU A 13 16.17 14.16 -15.65
N SER A 14 14.91 13.91 -15.29
CA SER A 14 14.23 14.74 -14.30
C SER A 14 14.55 14.33 -12.87
N GLY A 15 14.89 13.06 -12.64
CA GLY A 15 15.11 12.57 -11.30
C GLY A 15 13.90 11.96 -10.63
N GLY A 16 12.78 11.86 -11.34
CA GLY A 16 11.59 11.23 -10.80
C GLY A 16 10.79 10.60 -11.93
N ARG A 17 9.75 9.84 -11.54
CA ARG A 17 8.86 9.21 -12.49
C ARG A 17 7.43 9.18 -11.96
N LEU A 18 6.47 9.28 -12.88
CA LEU A 18 5.07 9.00 -12.61
C LEU A 18 4.63 7.84 -13.49
N VAL A 19 4.18 6.76 -12.88
CA VAL A 19 3.71 5.59 -13.61
C VAL A 19 2.35 5.17 -13.08
N THR A 20 1.41 4.93 -14.00
CA THR A 20 0.11 4.44 -13.59
C THR A 20 0.22 2.96 -13.20
N PRO A 21 -0.57 2.51 -12.22
CA PRO A 21 -0.46 1.12 -11.76
C PRO A 21 -0.57 0.15 -12.93
N GLY A 22 0.26 -0.90 -12.89
CA GLY A 22 0.21 -1.96 -13.89
C GLY A 22 1.05 -1.72 -15.13
N THR A 23 1.44 -0.48 -15.42
CA THR A 23 2.29 -0.21 -16.57
C THR A 23 3.75 -0.39 -16.19
N PRO A 24 4.48 -1.28 -16.86
CA PRO A 24 5.87 -1.54 -16.45
C PRO A 24 6.74 -0.29 -16.55
N LEU A 25 7.63 -0.12 -15.56
CA LEU A 25 8.59 0.96 -15.53
C LEU A 25 9.99 0.36 -15.56
N THR A 26 10.84 0.87 -16.44
CA THR A 26 12.23 0.45 -16.53
C THR A 26 13.17 1.59 -16.15
N LEU A 27 14.06 1.32 -15.20
CA LEU A 27 15.07 2.27 -14.77
C LEU A 27 16.45 1.81 -15.23
N THR A 28 17.27 2.77 -15.64
CA THR A 28 18.61 2.50 -16.17
C THR A 28 19.66 2.95 -15.16
N CYS A 29 20.57 2.05 -14.81
CA CYS A 29 21.63 2.40 -13.87
C CYS A 29 22.66 3.29 -14.55
N THR A 30 23.03 4.38 -13.87
CA THR A 30 24.09 5.25 -14.38
C THR A 30 25.49 4.73 -14.07
N VAL A 31 25.64 3.76 -13.18
CA VAL A 31 26.94 3.14 -12.93
C VAL A 31 27.17 2.04 -13.95
N SER A 32 28.34 2.03 -14.57
CA SER A 32 28.64 1.04 -15.59
C SER A 32 28.68 -0.36 -15.00
N ALA A 33 28.45 -1.35 -15.87
CA ALA A 33 28.45 -2.75 -15.48
C ALA A 33 29.81 -3.16 -14.94
N CYS A 34 29.81 -4.24 -14.13
CA CYS A 34 31.02 -4.78 -13.55
C CYS A 34 32.08 -5.11 -14.60
N SER A 35 33.31 -4.67 -14.33
CA SER A 35 34.48 -5.18 -15.03
C SER A 35 35.10 -6.38 -14.32
N LEU A 36 35.15 -6.34 -12.99
CA LEU A 36 35.67 -7.46 -12.22
C LEU A 36 34.68 -8.62 -12.22
N TYR A 37 35.22 -9.84 -12.13
CA TYR A 37 34.36 -11.02 -12.12
C TYR A 37 33.52 -11.08 -10.85
N HIS A 38 34.16 -10.87 -9.68
CA HIS A 38 33.46 -10.94 -8.40
C HIS A 38 32.90 -9.56 -8.07
N CYS A 39 31.76 -9.26 -8.69
CA CYS A 39 31.14 -7.94 -8.63
C CYS A 39 29.68 -8.09 -9.02
N THR A 40 28.80 -7.34 -8.36
CA THR A 40 27.40 -7.35 -8.72
C THR A 40 26.92 -5.92 -8.86
N MET A 41 25.95 -5.73 -9.76
CA MET A 41 25.14 -4.52 -9.78
C MET A 41 23.86 -4.77 -9.01
N ASN A 42 23.49 -3.82 -8.17
CA ASN A 42 22.40 -3.98 -7.22
C ASN A 42 21.38 -2.89 -7.41
N TRP A 43 20.13 -3.19 -7.05
CA TRP A 43 19.09 -2.18 -6.95
C TRP A 43 18.53 -2.13 -5.53
N VAL A 44 18.34 -0.91 -5.04
CA VAL A 44 17.96 -0.66 -3.65
C VAL A 44 16.84 0.37 -3.69
N ARG A 45 15.77 0.13 -2.92
CA ARG A 45 14.72 1.12 -2.79
C ARG A 45 14.70 1.74 -1.40
N GLN A 46 14.10 2.91 -1.31
CA GLN A 46 13.88 3.56 -0.02
C GLN A 46 12.51 4.21 -0.07
N ALA A 47 11.52 3.58 0.55
CA ALA A 47 10.20 4.15 0.61
C ALA A 47 10.17 5.32 1.60
N PRO A 48 9.26 6.29 1.40
CA PRO A 48 9.22 7.46 2.28
C PRO A 48 9.33 7.14 3.76
N GLY A 49 10.25 7.83 4.45
CA GLY A 49 10.44 7.69 5.88
C GLY A 49 10.99 6.35 6.34
N LYS A 50 11.28 5.44 5.42
CA LYS A 50 11.73 4.09 5.76
C LYS A 50 13.20 3.91 5.41
N GLY A 51 13.73 2.74 5.79
CA GLY A 51 15.12 2.44 5.58
C GLY A 51 15.40 1.86 4.19
N LEU A 52 16.68 1.58 3.94
CA LEU A 52 17.09 0.98 2.68
C LEU A 52 16.60 -0.47 2.61
N GLU A 53 16.02 -0.84 1.48
CA GLU A 53 15.54 -2.19 1.23
C GLU A 53 16.19 -2.70 -0.06
N TRP A 54 17.09 -3.66 0.08
CA TRP A 54 17.74 -4.28 -1.07
C TRP A 54 16.71 -5.00 -1.93
N ILE A 55 16.72 -4.75 -3.23
CA ILE A 55 15.80 -5.39 -4.17
C ILE A 55 16.41 -6.66 -4.79
N GLY A 56 17.63 -6.56 -5.30
CA GLY A 56 18.27 -7.70 -5.92
C GLY A 56 19.58 -7.31 -6.58
N ASP A 57 20.23 -8.30 -7.17
CA ASP A 57 21.51 -8.06 -7.84
C ASP A 57 21.64 -8.95 -9.06
N ILE A 58 22.63 -8.63 -9.88
CA ILE A 58 22.95 -9.41 -11.08
C ILE A 58 24.45 -9.69 -11.07
N TYR A 59 24.81 -10.94 -11.33
CA TYR A 59 26.19 -11.40 -11.30
C TYR A 59 26.78 -11.39 -12.71
N THR A 60 28.11 -11.53 -12.78
CA THR A 60 28.79 -11.42 -14.06
C THR A 60 28.58 -12.65 -14.94
N ASP A 61 28.01 -13.73 -14.38
CA ASP A 61 27.60 -14.88 -15.17
C ASP A 61 26.15 -14.77 -15.64
N GLY A 62 25.51 -13.62 -15.43
CA GLY A 62 24.15 -13.41 -15.84
C GLY A 62 23.10 -13.73 -14.80
N ASN A 63 23.46 -14.40 -13.70
CA ASN A 63 22.47 -14.82 -12.73
C ASN A 63 21.95 -13.64 -11.92
N THR A 64 20.65 -13.68 -11.61
CA THR A 64 19.97 -12.63 -10.85
C THR A 64 19.40 -13.22 -9.57
N TYR A 65 19.41 -12.41 -8.51
CA TYR A 65 18.84 -12.76 -7.22
C TYR A 65 17.91 -11.64 -6.78
N TYR A 66 16.82 -12.02 -6.11
CA TYR A 66 15.87 -11.05 -5.61
C TYR A 66 15.58 -11.30 -4.14
N ALA A 67 15.44 -10.22 -3.39
CA ALA A 67 14.87 -10.31 -2.05
C ALA A 67 13.56 -11.07 -2.13
N ASN A 68 13.25 -11.81 -1.07
CA ASN A 68 12.13 -12.75 -1.11
C ASN A 68 10.81 -12.03 -1.43
N TRP A 69 10.59 -10.86 -0.85
CA TRP A 69 9.40 -10.09 -1.18
C TRP A 69 9.41 -9.61 -2.62
N ALA A 70 10.59 -9.44 -3.21
CA ALA A 70 10.73 -8.87 -4.54
C ALA A 70 10.65 -9.92 -5.65
N LYS A 71 10.72 -11.21 -5.30
CA LYS A 71 10.65 -12.26 -6.31
C LYS A 71 9.38 -12.14 -7.16
N GLY A 72 9.55 -12.03 -8.47
CA GLY A 72 8.42 -11.93 -9.38
C GLY A 72 7.87 -10.54 -9.57
N ARG A 73 8.38 -9.55 -8.82
CA ARG A 73 7.94 -8.16 -8.97
C ARG A 73 8.90 -7.31 -9.78
N PHE A 74 10.10 -7.80 -10.05
CA PHE A 74 11.13 -7.05 -10.78
C PHE A 74 11.90 -8.00 -11.68
N THR A 75 12.54 -7.42 -12.70
CA THR A 75 13.57 -8.12 -13.45
C THR A 75 14.76 -7.20 -13.67
N ILE A 76 15.95 -7.71 -13.37
CA ILE A 76 17.21 -7.00 -13.57
C ILE A 76 17.88 -7.59 -14.80
N SER A 77 18.32 -6.73 -15.72
CA SER A 77 18.97 -7.21 -16.94
C SER A 77 20.16 -6.32 -17.29
N LYS A 78 21.01 -6.86 -18.17
CA LYS A 78 22.18 -6.16 -18.66
C LYS A 78 22.12 -6.08 -20.19
N THR A 79 22.46 -4.92 -20.73
CA THR A 79 22.52 -4.73 -22.17
C THR A 79 23.79 -3.95 -22.47
N SER A 80 24.74 -4.59 -23.14
CA SER A 80 26.11 -4.09 -23.30
C SER A 80 26.64 -3.88 -21.88
N THR A 81 26.99 -2.64 -21.49
CA THR A 81 27.53 -2.37 -20.17
C THR A 81 26.55 -1.59 -19.30
N THR A 82 25.27 -1.63 -19.64
CA THR A 82 24.22 -0.93 -18.92
C THR A 82 23.29 -1.93 -18.26
N VAL A 83 22.95 -1.66 -17.00
CA VAL A 83 22.07 -2.52 -16.21
C VAL A 83 20.74 -1.80 -16.01
N ASP A 84 19.65 -2.53 -16.20
CA ASP A 84 18.30 -2.00 -16.01
C ASP A 84 17.61 -2.65 -14.82
N LEU A 85 16.59 -1.96 -14.33
CA LEU A 85 15.60 -2.55 -13.43
C LEU A 85 14.22 -2.34 -14.05
N LYS A 86 13.47 -3.42 -14.22
CA LYS A 86 12.10 -3.36 -14.70
C LYS A 86 11.15 -3.72 -13.56
N ILE A 87 10.28 -2.79 -13.20
CA ILE A 87 9.21 -3.06 -12.24
C ILE A 87 8.06 -3.62 -13.06
N THR A 88 7.80 -4.92 -12.92
CA THR A 88 7.03 -5.60 -13.95
C THR A 88 5.53 -5.27 -13.89
N SER A 89 4.99 -4.96 -12.71
CA SER A 89 3.58 -4.55 -12.59
C SER A 89 3.44 -3.62 -11.40
N PRO A 90 3.74 -2.34 -11.59
CA PRO A 90 3.86 -1.44 -10.42
C PRO A 90 2.54 -1.26 -9.69
N THR A 91 2.63 -1.16 -8.36
CA THR A 91 1.51 -0.84 -7.50
C THR A 91 1.87 0.41 -6.70
N THR A 92 0.85 1.01 -6.09
CA THR A 92 1.11 2.20 -5.27
C THR A 92 2.10 1.91 -4.15
N GLU A 93 2.23 0.65 -3.73
CA GLU A 93 3.25 0.36 -2.73
C GLU A 93 4.67 0.37 -3.29
N ASP A 94 4.85 0.60 -4.60
CA ASP A 94 6.17 0.70 -5.18
C ASP A 94 6.68 2.13 -5.26
N THR A 95 5.89 3.08 -4.78
CA THR A 95 6.34 4.46 -4.63
C THR A 95 7.52 4.51 -3.67
N ALA A 96 8.68 4.92 -4.19
CA ALA A 96 9.93 4.88 -3.44
C ALA A 96 11.00 5.61 -4.23
N THR A 97 12.10 5.96 -3.55
CA THR A 97 13.34 6.30 -4.24
C THR A 97 14.07 5.01 -4.60
N TYR A 98 14.63 4.96 -5.82
CA TYR A 98 15.36 3.80 -6.29
C TYR A 98 16.81 4.18 -6.61
N PHE A 99 17.75 3.40 -6.08
CA PHE A 99 19.16 3.54 -6.36
C PHE A 99 19.69 2.27 -7.00
N CYS A 100 20.71 2.42 -7.84
CA CYS A 100 21.58 1.30 -8.19
C CYS A 100 22.94 1.50 -7.53
N ALA A 101 23.64 0.39 -7.35
CA ALA A 101 24.89 0.40 -6.59
C ALA A 101 25.69 -0.83 -6.95
N ARG A 102 27.01 -0.69 -7.01
CA ARG A 102 27.89 -1.77 -7.41
C ARG A 102 28.81 -2.17 -6.28
N ASP A 103 29.05 -3.47 -6.13
CA ASP A 103 29.98 -3.91 -5.09
C ASP A 103 31.06 -4.82 -5.68
N SER A 104 31.89 -5.37 -4.81
CA SER A 104 32.96 -6.26 -5.23
C SER A 104 33.46 -7.01 -4.01
N TRP A 105 34.15 -8.12 -4.25
CA TRP A 105 34.67 -8.92 -3.14
C TRP A 105 35.75 -9.84 -3.65
N ASP A 106 36.54 -10.37 -2.71
CA ASP A 106 37.40 -11.50 -3.00
C ASP A 106 37.18 -12.57 -1.96
N ALA A 107 38.13 -13.51 -1.82
CA ALA A 107 37.93 -14.64 -0.94
C ALA A 107 37.92 -14.29 0.54
N SER A 108 38.26 -13.06 0.92
CA SER A 108 38.20 -12.71 2.34
C SER A 108 37.53 -11.36 2.62
N SER A 109 37.55 -10.43 1.65
CA SER A 109 37.06 -9.07 1.87
C SER A 109 35.83 -8.80 1.03
N TYR A 110 34.76 -8.28 1.66
CA TYR A 110 33.67 -7.64 0.95
C TYR A 110 33.98 -6.15 0.86
N TYR A 111 34.11 -5.64 -0.36
CA TYR A 111 34.55 -4.25 -0.52
C TYR A 111 33.40 -3.26 -0.49
N GLY A 112 32.16 -3.72 -0.32
CA GLY A 112 31.02 -2.85 -0.14
C GLY A 112 30.46 -2.33 -1.45
N LEU A 113 29.29 -1.69 -1.34
CA LEU A 113 28.68 -0.97 -2.45
C LEU A 113 29.37 0.38 -2.54
N ASP A 114 30.45 0.43 -3.33
CA ASP A 114 31.25 1.65 -3.34
C ASP A 114 30.70 2.72 -4.29
N LEU A 115 30.09 2.33 -5.41
CA LEU A 115 29.57 3.28 -6.39
C LEU A 115 28.04 3.24 -6.39
N TRP A 116 27.41 4.39 -6.19
CA TRP A 116 25.97 4.51 -6.18
C TRP A 116 25.51 5.50 -7.25
N GLY A 117 24.39 5.21 -7.87
CA GLY A 117 23.74 6.19 -8.71
C GLY A 117 22.89 7.13 -7.90
N GLN A 118 22.48 8.22 -8.54
CA GLN A 118 21.53 9.12 -7.88
C GLN A 118 20.17 8.47 -7.79
N GLY A 119 19.43 8.81 -6.75
CA GLY A 119 18.10 8.25 -6.58
C GLY A 119 17.15 8.76 -7.65
N THR A 120 16.20 7.90 -8.02
CA THR A 120 15.05 8.32 -8.82
C THR A 120 13.80 8.27 -7.93
N LEU A 121 13.03 9.36 -7.94
CA LEU A 121 11.86 9.54 -7.08
C LEU A 121 10.63 9.02 -7.82
N VAL A 122 10.27 7.75 -7.58
CA VAL A 122 9.20 7.11 -8.32
C VAL A 122 7.91 7.20 -7.52
N THR A 123 6.85 7.61 -8.19
CA THR A 123 5.49 7.59 -7.68
C THR A 123 4.64 6.73 -8.61
N VAL A 124 3.95 5.75 -8.05
CA VAL A 124 2.94 4.99 -8.77
C VAL A 124 1.58 5.52 -8.36
N SER A 125 0.81 6.01 -9.31
CA SER A 125 -0.46 6.67 -9.00
C SER A 125 -1.33 6.68 -10.24
N SER A 126 -2.64 6.59 -10.04
CA SER A 126 -3.59 6.73 -11.13
C SER A 126 -3.93 8.18 -11.44
N GLY A 127 -3.33 9.14 -10.73
CA GLY A 127 -3.59 10.53 -11.02
C GLY A 127 -2.77 11.06 -12.19
N GLN A 128 -3.27 12.14 -12.78
CA GLN A 128 -2.59 12.74 -13.92
C GLN A 128 -1.38 13.55 -13.46
N PRO A 129 -0.36 13.69 -14.32
CA PRO A 129 0.77 14.56 -13.96
C PRO A 129 0.26 15.97 -13.76
N LYS A 130 0.81 16.66 -12.76
CA LYS A 130 0.30 17.97 -12.39
C LYS A 130 1.45 18.91 -12.04
N GLY A 131 1.48 20.08 -12.69
CA GLY A 131 2.46 21.08 -12.40
C GLY A 131 2.07 21.89 -11.18
N PRO A 132 3.04 22.52 -10.53
CA PRO A 132 2.75 23.20 -9.26
C PRO A 132 2.01 24.51 -9.44
N SER A 133 1.26 24.89 -8.41
CA SER A 133 0.84 26.26 -8.21
C SER A 133 1.85 26.95 -7.30
N VAL A 134 2.29 28.13 -7.68
CA VAL A 134 3.34 28.83 -6.96
C VAL A 134 2.75 30.09 -6.34
N PHE A 135 2.84 30.19 -5.02
CA PHE A 135 2.31 31.36 -4.34
C PHE A 135 3.41 32.07 -3.57
N PRO A 136 3.45 33.39 -3.62
CA PRO A 136 4.48 34.12 -2.89
C PRO A 136 4.24 34.06 -1.38
N LEU A 137 5.35 34.14 -0.64
CA LEU A 137 5.33 34.19 0.82
C LEU A 137 5.95 35.51 1.25
N ALA A 138 5.17 36.35 1.92
CA ALA A 138 5.65 37.62 2.41
C ALA A 138 5.09 37.86 3.81
N PRO A 139 5.89 38.42 4.71
CA PRO A 139 5.35 38.82 6.03
C PRO A 139 4.26 39.86 5.88
N CYS A 140 3.25 39.78 6.74
CA CYS A 140 2.20 40.80 6.84
C CYS A 140 1.23 40.50 7.98
N SER A 146 14.15 44.17 10.88
CA SER A 146 13.75 45.05 9.79
C SER A 146 14.97 45.55 9.00
N SER A 147 16.17 45.10 9.37
CA SER A 147 17.33 45.24 8.50
C SER A 147 17.42 44.07 7.52
N THR A 148 16.83 42.93 7.87
CA THR A 148 16.65 41.80 7.00
C THR A 148 15.15 41.53 6.86
N VAL A 149 14.80 40.84 5.77
CA VAL A 149 13.44 40.34 5.60
C VAL A 149 13.58 38.97 4.95
N THR A 150 12.64 38.09 5.24
CA THR A 150 12.59 36.78 4.63
C THR A 150 11.36 36.66 3.75
N LEU A 151 11.58 36.36 2.47
CA LEU A 151 10.52 36.16 1.50
C LEU A 151 10.64 34.73 0.97
N GLY A 152 9.60 34.28 0.29
CA GLY A 152 9.66 32.91 -0.18
C GLY A 152 8.62 32.62 -1.24
N CYS A 153 8.51 31.34 -1.57
CA CYS A 153 7.49 30.86 -2.49
C CYS A 153 7.00 29.51 -2.01
N LEU A 154 5.68 29.36 -1.99
CA LEU A 154 5.04 28.09 -1.71
C LEU A 154 4.78 27.38 -3.04
N VAL A 155 5.30 26.16 -3.18
CA VAL A 155 5.21 25.37 -4.40
C VAL A 155 4.26 24.21 -4.10
N LYS A 156 3.00 24.33 -4.52
CA LYS A 156 1.92 23.52 -3.98
C LYS A 156 1.32 22.61 -5.05
N GLY A 157 1.12 21.34 -4.69
CA GLY A 157 0.27 20.42 -5.43
C GLY A 157 0.79 19.93 -6.77
N TYR A 158 2.04 19.46 -6.83
CA TYR A 158 2.56 18.91 -8.08
C TYR A 158 2.69 17.40 -7.99
N LEU A 159 2.90 16.79 -9.15
CA LEU A 159 2.95 15.34 -9.29
C LEU A 159 3.56 15.01 -10.66
N PRO A 160 4.64 14.21 -10.70
CA PRO A 160 5.45 13.64 -9.62
C PRO A 160 6.53 14.60 -9.16
N GLU A 161 7.38 14.16 -8.24
CA GLU A 161 8.63 14.85 -7.95
C GLU A 161 9.59 14.71 -9.14
N PRO A 162 10.57 15.63 -9.26
CA PRO A 162 10.81 16.80 -8.40
C PRO A 162 10.46 18.10 -9.10
N VAL A 163 10.49 19.18 -8.33
CA VAL A 163 10.65 20.51 -8.88
C VAL A 163 12.06 20.96 -8.53
N THR A 164 12.56 21.92 -9.31
CA THR A 164 13.73 22.70 -8.91
C THR A 164 13.29 24.12 -8.61
N VAL A 165 13.93 24.73 -7.61
CA VAL A 165 13.65 26.12 -7.24
C VAL A 165 14.97 26.87 -7.20
N THR A 166 15.08 27.93 -8.01
CA THR A 166 16.18 28.89 -7.90
C THR A 166 15.61 30.26 -7.58
N TRP A 167 16.52 31.17 -7.26
CA TRP A 167 16.18 32.56 -6.99
C TRP A 167 17.00 33.45 -7.91
N ASN A 168 16.33 34.40 -8.55
CA ASN A 168 16.97 35.33 -9.47
C ASN A 168 17.79 34.57 -10.51
N SER A 169 17.19 33.52 -11.05
CA SER A 169 17.80 32.71 -12.11
C SER A 169 19.10 32.06 -11.66
N GLY A 170 19.23 31.79 -10.36
CA GLY A 170 20.39 31.14 -9.81
C GLY A 170 21.51 32.07 -9.36
N THR A 171 21.33 33.38 -9.51
CA THR A 171 22.34 34.33 -9.05
C THR A 171 22.21 34.64 -7.56
N LEU A 172 21.09 34.26 -6.94
CA LEU A 172 20.87 34.47 -5.51
C LEU A 172 20.87 33.12 -4.82
N THR A 173 21.95 32.83 -4.10
CA THR A 173 22.07 31.56 -3.40
C THR A 173 22.28 31.70 -1.90
N ASN A 174 22.93 32.77 -1.45
CA ASN A 174 23.12 33.00 -0.02
C ASN A 174 21.79 33.26 0.67
N GLY A 175 21.65 32.70 1.88
CA GLY A 175 20.43 32.88 2.64
C GLY A 175 19.21 32.18 2.09
N VAL A 176 19.38 31.20 1.21
CA VAL A 176 18.28 30.43 0.67
C VAL A 176 18.10 29.18 1.51
N ARG A 177 16.86 28.91 1.91
CA ARG A 177 16.49 27.64 2.51
C ARG A 177 15.34 27.02 1.71
N THR A 178 15.58 25.86 1.13
CA THR A 178 14.54 25.09 0.47
C THR A 178 14.27 23.84 1.30
N PHE A 179 13.05 23.70 1.79
CA PHE A 179 12.72 22.61 2.67
C PHE A 179 12.45 21.33 1.87
N PRO A 180 12.57 20.17 2.53
CA PRO A 180 12.23 18.91 1.84
C PRO A 180 10.77 18.88 1.42
N SER A 181 10.51 18.26 0.27
CA SER A 181 9.14 18.08 -0.17
C SER A 181 8.37 17.28 0.86
N VAL A 182 7.06 17.51 0.91
CA VAL A 182 6.14 16.66 1.66
C VAL A 182 5.04 16.21 0.72
N ARG A 183 4.60 14.96 0.86
CA ARG A 183 3.49 14.45 0.06
C ARG A 183 2.21 14.70 0.85
N GLN A 184 1.29 15.45 0.24
CA GLN A 184 0.02 15.78 0.89
CA GLN A 184 0.02 15.77 0.88
C GLN A 184 -0.88 14.55 0.93
N SER A 185 -1.89 14.61 1.82
CA SER A 185 -2.83 13.49 1.89
C SER A 185 -3.55 13.26 0.57
N SER A 186 -3.62 14.29 -0.28
CA SER A 186 -4.15 14.15 -1.63
C SER A 186 -3.28 13.27 -2.52
N GLY A 187 -2.04 13.01 -2.13
CA GLY A 187 -1.08 12.39 -3.00
C GLY A 187 -0.22 13.36 -3.78
N LEU A 188 -0.57 14.64 -3.81
CA LEU A 188 0.27 15.64 -4.46
C LEU A 188 1.37 16.10 -3.51
N TYR A 189 2.41 16.69 -4.08
CA TYR A 189 3.59 17.13 -3.34
C TYR A 189 3.59 18.65 -3.18
N SER A 190 4.25 19.11 -2.12
CA SER A 190 4.38 20.54 -1.87
C SER A 190 5.71 20.80 -1.18
N LEU A 191 6.25 22.00 -1.40
CA LEU A 191 7.39 22.45 -0.61
C LEU A 191 7.40 23.98 -0.61
N SER A 192 8.24 24.52 0.28
CA SER A 192 8.47 25.94 0.38
C SER A 192 9.97 26.22 0.29
N SER A 193 10.29 27.36 -0.31
CA SER A 193 11.65 27.88 -0.35
C SER A 193 11.60 29.32 0.13
N VAL A 194 12.52 29.69 1.00
CA VAL A 194 12.58 31.06 1.52
C VAL A 194 13.99 31.60 1.35
N VAL A 195 14.10 32.92 1.34
CA VAL A 195 15.40 33.57 1.23
C VAL A 195 15.38 34.84 2.06
N SER A 196 16.46 35.05 2.81
CA SER A 196 16.63 36.23 3.63
C SER A 196 17.49 37.24 2.90
N VAL A 197 16.99 38.47 2.76
CA VAL A 197 17.63 39.52 1.97
C VAL A 197 17.57 40.81 2.77
N THR A 198 18.43 41.75 2.39
CA THR A 198 18.45 43.04 3.07
C THR A 198 17.17 43.81 2.78
N SER A 199 16.78 44.66 3.74
CA SER A 199 15.51 45.38 3.66
C SER A 199 15.46 46.34 2.48
N SER A 200 16.60 46.72 1.93
CA SER A 200 16.65 47.64 0.80
C SER A 200 16.93 46.93 -0.52
N SER A 201 17.02 45.60 -0.51
CA SER A 201 17.26 44.86 -1.74
C SER A 201 16.07 44.98 -2.69
N GLN A 202 16.37 44.99 -3.98
CA GLN A 202 15.35 45.01 -5.00
C GLN A 202 14.60 43.68 -4.98
N PRO A 203 13.35 43.65 -5.48
CA PRO A 203 12.53 42.44 -5.37
C PRO A 203 13.24 41.18 -5.85
N VAL A 204 12.90 40.05 -5.23
CA VAL A 204 13.48 38.77 -5.55
C VAL A 204 12.44 37.93 -6.28
N THR A 205 12.92 37.10 -7.21
CA THR A 205 12.06 36.26 -8.02
C THR A 205 12.42 34.80 -7.83
N CYS A 206 11.40 33.98 -7.60
CA CYS A 206 11.55 32.53 -7.58
C CYS A 206 11.33 31.97 -8.98
N ASN A 207 12.16 31.01 -9.36
CA ASN A 207 12.02 30.27 -10.61
C ASN A 207 11.77 28.81 -10.26
N VAL A 208 10.57 28.33 -10.59
CA VAL A 208 10.13 26.99 -10.24
C VAL A 208 9.97 26.20 -11.52
N ALA A 209 10.72 25.10 -11.66
CA ALA A 209 10.63 24.25 -12.83
C ALA A 209 10.13 22.87 -12.43
N HIS A 210 9.26 22.29 -13.27
CA HIS A 210 8.70 20.95 -13.04
C HIS A 210 8.87 20.21 -14.36
N PRO A 211 9.96 19.47 -14.52
CA PRO A 211 10.25 18.84 -15.82
C PRO A 211 9.18 17.87 -16.28
N ALA A 212 8.49 17.19 -15.38
CA ALA A 212 7.50 16.19 -15.79
C ALA A 212 6.32 16.80 -16.54
N THR A 213 6.09 18.11 -16.38
CA THR A 213 5.04 18.80 -17.12
C THR A 213 5.60 19.95 -17.95
N ASN A 214 6.92 20.08 -18.03
CA ASN A 214 7.60 21.15 -18.79
C ASN A 214 7.04 22.52 -18.44
N THR A 215 6.67 22.71 -17.18
CA THR A 215 6.22 24.00 -16.69
C THR A 215 7.39 24.72 -16.02
N LYS A 216 7.51 26.01 -16.30
CA LYS A 216 8.46 26.89 -15.63
C LYS A 216 7.68 28.09 -15.13
N VAL A 217 7.80 28.40 -13.84
CA VAL A 217 7.00 29.45 -13.21
C VAL A 217 7.91 30.41 -12.46
N ASP A 218 7.75 31.71 -12.74
CA ASP A 218 8.43 32.77 -12.02
C ASP A 218 7.45 33.55 -11.15
N LYS A 219 7.87 33.86 -9.93
CA LYS A 219 7.10 34.67 -8.99
C LYS A 219 8.01 35.72 -8.41
N THR A 220 7.65 37.00 -8.56
CA THR A 220 8.42 38.08 -7.96
C THR A 220 7.78 38.47 -6.63
N VAL A 221 8.59 38.49 -5.57
CA VAL A 221 8.12 38.67 -4.20
C VAL A 221 8.79 39.91 -3.61
N ALA A 222 8.02 40.68 -2.86
CA ALA A 222 8.53 41.84 -2.12
C ALA A 222 7.72 41.95 -0.83
N PRO A 223 8.26 42.65 0.19
CA PRO A 223 7.55 42.77 1.47
C PRO A 223 6.17 43.42 1.34
N ALA B 1 17.29 -17.70 6.49
CA ALA B 1 17.49 -16.35 5.98
C ALA B 1 18.32 -15.53 6.97
N ILE B 2 19.33 -14.83 6.46
CA ILE B 2 20.19 -14.04 7.33
C ILE B 2 19.50 -12.71 7.61
N LYS B 3 19.09 -12.52 8.86
CA LYS B 3 18.45 -11.28 9.29
C LYS B 3 19.52 -10.36 9.86
N MET B 4 19.47 -9.09 9.45
CA MET B 4 20.39 -8.06 9.94
C MET B 4 19.62 -7.14 10.87
N THR B 5 20.10 -7.00 12.11
CA THR B 5 19.39 -6.27 13.16
C THR B 5 20.32 -5.20 13.71
N GLN B 6 19.87 -3.93 13.64
CA GLN B 6 20.63 -2.81 14.15
C GLN B 6 20.00 -2.27 15.43
N THR B 7 20.84 -1.94 16.40
CA THR B 7 20.43 -1.33 17.65
C THR B 7 21.47 -0.30 18.07
N PRO B 8 21.04 0.78 18.75
CA PRO B 8 19.66 1.18 19.03
C PRO B 8 19.04 1.75 17.75
N SER B 9 17.75 2.09 17.75
CA SER B 9 17.18 2.71 16.57
C SER B 9 17.61 4.17 16.42
N SER B 10 17.85 4.85 17.55
CA SER B 10 18.27 6.24 17.51
C SER B 10 19.21 6.48 18.68
N VAL B 11 20.18 7.37 18.48
CA VAL B 11 21.15 7.70 19.52
C VAL B 11 21.53 9.17 19.34
N SER B 12 21.78 9.84 20.47
CA SER B 12 22.24 11.22 20.49
C SER B 12 23.65 11.28 21.06
N ALA B 13 24.46 12.18 20.52
CA ALA B 13 25.84 12.37 20.96
C ALA B 13 26.18 13.85 20.93
N ALA B 14 26.82 14.34 21.98
CA ALA B 14 27.36 15.70 21.94
C ALA B 14 28.54 15.77 20.97
N VAL B 15 28.69 16.93 20.34
CA VAL B 15 29.89 17.23 19.57
C VAL B 15 31.13 16.92 20.42
N GLY B 16 32.08 16.18 19.84
CA GLY B 16 33.26 15.77 20.56
C GLY B 16 33.10 14.49 21.34
N GLY B 17 31.90 13.93 21.41
CA GLY B 17 31.66 12.68 22.10
C GLY B 17 31.93 11.49 21.21
N THR B 18 31.59 10.31 21.73
CA THR B 18 31.79 9.02 21.06
C THR B 18 30.49 8.23 21.15
N VAL B 19 30.01 7.73 20.01
CA VAL B 19 28.86 6.82 19.97
C VAL B 19 29.27 5.50 19.34
N THR B 20 28.67 4.43 19.86
CA THR B 20 28.83 3.09 19.32
C THR B 20 27.46 2.55 18.96
N ILE B 21 27.32 2.09 17.71
CA ILE B 21 26.07 1.47 17.28
C ILE B 21 26.37 0.06 16.79
N ASN B 22 25.36 -0.81 16.92
CA ASN B 22 25.56 -2.24 16.82
C ASN B 22 24.82 -2.83 15.63
N CYS B 23 25.37 -3.91 15.09
CA CYS B 23 24.78 -4.64 13.98
C CYS B 23 24.93 -6.12 14.27
N GLN B 24 23.81 -6.84 14.31
CA GLN B 24 23.81 -8.27 14.58
C GLN B 24 23.31 -9.03 13.37
N ALA B 25 24.03 -10.09 13.01
CA ALA B 25 23.58 -11.03 11.99
C ALA B 25 23.09 -12.31 12.65
N SER B 26 22.06 -12.90 12.05
CA SER B 26 21.46 -14.11 12.62
C SER B 26 22.30 -15.35 12.36
N GLU B 27 23.21 -15.29 11.39
CA GLU B 27 24.17 -16.36 11.14
C GLU B 27 25.54 -15.72 10.92
N ASP B 28 26.58 -16.55 11.03
CA ASP B 28 27.94 -16.09 10.79
C ASP B 28 28.08 -15.59 9.36
N ILE B 29 28.45 -14.32 9.19
CA ILE B 29 28.65 -13.76 7.86
C ILE B 29 30.12 -13.51 7.55
N LYS B 30 31.03 -14.02 8.40
CA LYS B 30 32.47 -14.08 8.10
C LYS B 30 33.05 -12.71 7.76
N ARG B 31 32.57 -11.68 8.47
CA ARG B 31 33.03 -10.29 8.32
C ARG B 31 32.76 -9.72 6.93
N TYR B 32 31.86 -10.33 6.15
CA TYR B 32 31.42 -9.74 4.89
C TYR B 32 30.35 -8.71 5.22
N LEU B 33 30.80 -7.56 5.70
CA LEU B 33 29.91 -6.58 6.30
C LEU B 33 30.39 -5.17 5.99
N ALA B 34 29.47 -4.31 5.52
CA ALA B 34 29.73 -2.94 5.16
C ALA B 34 28.85 -1.99 5.97
N TRP B 35 29.33 -0.76 6.19
CA TRP B 35 28.59 0.30 6.87
C TRP B 35 28.42 1.49 5.93
N TYR B 36 27.27 2.15 6.01
CA TYR B 36 26.96 3.28 5.16
C TYR B 36 26.42 4.45 5.97
N GLN B 37 26.69 5.65 5.47
CA GLN B 37 26.15 6.91 6.01
C GLN B 37 25.21 7.49 4.98
N GLN B 38 24.00 7.83 5.39
CA GLN B 38 23.06 8.48 4.48
C GLN B 38 22.52 9.74 5.12
N LYS B 39 22.62 10.83 4.41
CA LYS B 39 21.94 12.07 4.73
C LYS B 39 20.73 12.25 3.83
N PRO B 40 19.74 13.03 4.26
CA PRO B 40 18.51 13.14 3.47
C PRO B 40 18.75 13.69 2.08
N GLY B 41 18.05 13.10 1.10
CA GLY B 41 18.16 13.53 -0.28
C GLY B 41 19.44 13.15 -0.98
N GLN B 42 20.24 12.26 -0.40
CA GLN B 42 21.51 11.83 -0.99
C GLN B 42 21.51 10.31 -1.09
N PRO B 43 22.32 9.75 -2.00
CA PRO B 43 22.56 8.31 -1.95
C PRO B 43 23.38 7.95 -0.72
N PRO B 44 23.26 6.72 -0.22
CA PRO B 44 24.14 6.28 0.86
C PRO B 44 25.59 6.33 0.41
N LYS B 45 26.47 6.61 1.36
CA LYS B 45 27.91 6.65 1.14
C LYS B 45 28.58 5.50 1.90
N LEU B 46 29.42 4.74 1.21
CA LEU B 46 30.18 3.69 1.87
C LEU B 46 31.19 4.29 2.86
N LEU B 47 31.15 3.81 4.10
CA LEU B 47 32.05 4.21 5.18
C LEU B 47 33.10 3.16 5.50
N ILE B 48 32.66 1.92 5.68
CA ILE B 48 33.49 0.83 6.18
C ILE B 48 33.18 -0.39 5.35
N TYR B 49 34.22 -1.09 4.90
CA TYR B 49 34.06 -2.35 4.19
C TYR B 49 34.87 -3.42 4.88
N ALA B 50 34.54 -4.69 4.58
CA ALA B 50 35.20 -5.83 5.20
C ALA B 50 35.27 -5.68 6.73
N ALA B 51 34.18 -5.18 7.32
CA ALA B 51 33.95 -5.07 8.76
C ALA B 51 34.74 -3.95 9.40
N SER B 52 35.98 -3.69 8.96
CA SER B 52 36.87 -2.84 9.74
C SER B 52 37.76 -1.91 8.93
N LYS B 53 37.60 -1.86 7.61
CA LYS B 53 38.48 -1.08 6.76
C LYS B 53 37.81 0.23 6.35
N LEU B 54 38.61 1.29 6.31
CA LEU B 54 38.08 2.61 5.95
C LEU B 54 37.93 2.73 4.45
N ALA B 55 36.71 2.98 4.00
CA ALA B 55 36.47 3.26 2.58
C ALA B 55 37.22 4.51 2.16
N SER B 56 37.31 4.70 0.85
CA SER B 56 38.10 5.80 0.29
C SER B 56 37.64 7.14 0.85
N GLY B 57 38.59 7.90 1.39
CA GLY B 57 38.33 9.24 1.89
C GLY B 57 37.55 9.33 3.17
N VAL B 58 37.24 8.22 3.83
CA VAL B 58 36.43 8.26 5.05
C VAL B 58 37.30 8.67 6.24
N SER B 59 36.75 9.53 7.09
CA SER B 59 37.49 10.01 8.25
C SER B 59 37.80 8.86 9.20
N SER B 60 39.02 8.88 9.76
CA SER B 60 39.40 7.83 10.70
C SER B 60 38.73 8.00 12.06
N ARG B 61 37.87 9.00 12.21
CA ARG B 61 36.95 9.04 13.34
C ARG B 61 35.97 7.87 13.33
N PHE B 62 35.77 7.25 12.18
CA PHE B 62 34.91 6.07 12.06
C PHE B 62 35.74 4.80 12.23
N LYS B 63 35.24 3.88 13.05
CA LYS B 63 35.90 2.62 13.31
C LYS B 63 34.87 1.51 13.26
N GLY B 64 35.09 0.53 12.39
CA GLY B 64 34.28 -0.67 12.36
C GLY B 64 34.99 -1.81 13.06
N SER B 65 34.22 -2.63 13.78
CA SER B 65 34.80 -3.78 14.47
C SER B 65 33.84 -4.96 14.39
N GLY B 66 34.38 -6.15 14.60
CA GLY B 66 33.56 -7.31 14.89
C GLY B 66 33.88 -8.48 13.98
N SER B 67 33.15 -9.56 14.22
CA SER B 67 33.35 -10.83 13.55
C SER B 67 32.14 -11.70 13.83
N GLY B 68 32.05 -12.82 13.12
CA GLY B 68 30.95 -13.74 13.29
C GLY B 68 29.59 -13.09 13.11
N THR B 69 28.84 -12.94 14.20
CA THR B 69 27.50 -12.42 14.15
C THR B 69 27.38 -10.99 14.69
N GLU B 70 28.44 -10.43 15.26
CA GLU B 70 28.35 -9.18 16.01
C GLU B 70 29.33 -8.18 15.43
N TYR B 71 28.82 -6.99 15.09
CA TYR B 71 29.61 -5.93 14.50
C TYR B 71 29.20 -4.61 15.15
N THR B 72 30.13 -3.65 15.13
CA THR B 72 29.89 -2.34 15.73
C THR B 72 30.50 -1.26 14.85
N LEU B 73 29.88 -0.08 14.87
CA LEU B 73 30.46 1.13 14.31
C LEU B 73 30.62 2.13 15.44
N THR B 74 31.81 2.72 15.54
CA THR B 74 32.13 3.70 16.57
C THR B 74 32.57 5.00 15.90
N ILE B 75 31.91 6.11 16.26
CA ILE B 75 32.33 7.44 15.84
C ILE B 75 33.00 8.12 17.03
N SER B 76 34.26 8.50 16.89
CA SER B 76 35.01 9.18 17.93
C SER B 76 35.21 10.65 17.58
N GLY B 77 34.99 11.53 18.55
CA GLY B 77 35.02 12.96 18.27
C GLY B 77 33.91 13.37 17.31
N VAL B 78 32.67 13.06 17.71
CA VAL B 78 31.52 13.30 16.84
C VAL B 78 31.46 14.76 16.42
N GLN B 79 31.11 14.99 15.15
CA GLN B 79 30.94 16.33 14.60
C GLN B 79 29.55 16.46 14.00
N CYS B 80 29.06 17.71 13.91
CA CYS B 80 27.77 17.94 13.28
C CYS B 80 27.69 17.33 11.89
N ASP B 81 28.82 17.23 11.18
CA ASP B 81 28.85 16.61 9.86
C ASP B 81 28.48 15.14 9.91
N ASP B 82 28.46 14.52 11.09
CA ASP B 82 28.16 13.11 11.25
C ASP B 82 26.68 12.83 11.47
N ALA B 83 25.87 13.86 11.70
CA ALA B 83 24.42 13.68 11.81
C ALA B 83 23.88 13.01 10.56
N ALA B 84 23.36 11.80 10.69
CA ALA B 84 22.96 10.99 9.55
C ALA B 84 22.29 9.73 10.05
N THR B 85 21.76 8.95 9.10
CA THR B 85 21.33 7.60 9.41
C THR B 85 22.39 6.64 8.88
N TYR B 86 22.74 5.65 9.70
CA TYR B 86 23.80 4.69 9.42
C TYR B 86 23.21 3.30 9.24
N TYR B 87 23.69 2.59 8.22
CA TYR B 87 23.17 1.26 7.87
C TYR B 87 24.32 0.27 7.80
N CYS B 88 24.08 -0.92 8.34
CA CYS B 88 24.97 -2.03 8.07
C CYS B 88 24.38 -2.91 6.97
N GLN B 89 25.23 -3.72 6.35
CA GLN B 89 24.80 -4.53 5.22
C GLN B 89 25.72 -5.73 5.13
N GLN B 90 25.12 -6.92 4.99
CA GLN B 90 25.89 -8.14 4.77
C GLN B 90 26.10 -8.34 3.27
N GLY B 91 27.35 -8.67 2.91
CA GLY B 91 27.67 -9.00 1.54
C GLY B 91 28.07 -10.46 1.42
N TYR B 92 27.52 -11.29 2.32
CA TYR B 92 27.88 -12.71 2.35
C TYR B 92 27.09 -13.52 1.34
N THR B 93 25.83 -13.16 1.13
CA THR B 93 25.01 -13.94 0.22
C THR B 93 23.96 -13.05 -0.42
N SER B 94 23.51 -13.46 -1.61
CA SER B 94 22.38 -12.85 -2.31
C SER B 94 21.15 -13.74 -2.27
N SER B 95 21.23 -14.93 -1.68
CA SER B 95 20.21 -15.96 -1.80
C SER B 95 19.36 -16.05 -0.53
N ASN B 96 18.05 -16.08 -0.71
CA ASN B 96 17.09 -16.21 0.40
C ASN B 96 17.25 -15.06 1.39
N VAL B 97 17.26 -13.85 0.87
CA VAL B 97 17.48 -12.64 1.66
C VAL B 97 16.16 -11.87 1.71
N ASN B 98 15.78 -11.43 2.91
CA ASN B 98 14.65 -10.53 3.00
C ASN B 98 15.09 -9.07 2.90
N ASN B 99 16.19 -8.72 3.56
CA ASN B 99 16.90 -7.46 3.32
C ASN B 99 18.36 -7.68 3.67
N ALA B 100 19.26 -7.24 2.77
CA ALA B 100 20.68 -7.29 3.06
C ALA B 100 21.09 -6.21 4.06
N PHE B 101 20.32 -5.13 4.14
CA PHE B 101 20.60 -4.02 5.04
C PHE B 101 19.95 -4.25 6.39
N GLY B 102 20.61 -3.78 7.44
CA GLY B 102 19.95 -3.59 8.72
C GLY B 102 18.91 -2.49 8.63
N GLY B 103 18.19 -2.30 9.72
CA GLY B 103 17.12 -1.30 9.74
C GLY B 103 17.55 0.14 9.90
N GLY B 104 18.82 0.39 10.18
CA GLY B 104 19.31 1.75 10.29
C GLY B 104 19.33 2.26 11.72
N THR B 105 20.26 3.16 12.01
CA THR B 105 20.36 3.85 13.29
C THR B 105 20.51 5.34 13.03
N GLU B 106 19.59 6.14 13.58
CA GLU B 106 19.65 7.58 13.44
C GLU B 106 20.60 8.18 14.48
N VAL B 107 21.50 9.05 14.03
CA VAL B 107 22.49 9.66 14.90
C VAL B 107 22.22 11.16 14.92
N VAL B 108 21.78 11.65 16.07
CA VAL B 108 21.54 13.08 16.31
C VAL B 108 22.73 13.63 17.06
N VAL B 109 23.27 14.75 16.58
CA VAL B 109 24.47 15.35 17.15
C VAL B 109 24.05 16.61 17.91
N LYS B 110 24.40 16.68 19.20
CA LYS B 110 24.01 17.80 20.05
C LYS B 110 25.10 18.87 19.96
N GLY B 111 24.80 19.94 19.24
CA GLY B 111 25.67 21.10 19.17
C GLY B 111 25.27 22.11 20.22
N ASP B 112 25.75 23.33 20.05
CA ASP B 112 25.39 24.40 20.96
C ASP B 112 23.89 24.65 20.88
N PRO B 113 23.19 24.77 22.01
CA PRO B 113 21.75 25.06 21.96
C PRO B 113 21.51 26.43 21.35
N VAL B 114 20.49 26.52 20.49
CA VAL B 114 20.11 27.77 19.85
C VAL B 114 18.59 27.88 19.89
N ALA B 115 18.09 29.00 20.43
CA ALA B 115 16.65 29.15 20.50
C ALA B 115 16.10 29.60 19.15
N PRO B 116 14.90 29.13 18.79
CA PRO B 116 14.32 29.50 17.49
C PRO B 116 13.75 30.90 17.50
N THR B 117 13.67 31.49 16.31
CA THR B 117 12.72 32.55 16.02
C THR B 117 11.67 32.01 15.07
N VAL B 118 10.54 32.71 14.96
CA VAL B 118 9.42 32.20 14.19
C VAL B 118 8.93 33.26 13.21
N LEU B 119 8.53 32.80 12.02
CA LEU B 119 8.00 33.62 10.93
C LEU B 119 6.66 33.04 10.50
N ILE B 120 5.68 33.90 10.25
CA ILE B 120 4.40 33.44 9.69
C ILE B 120 4.14 34.19 8.40
N PHE B 121 3.55 33.48 7.43
CA PHE B 121 3.31 33.99 6.08
C PHE B 121 1.83 33.89 5.78
N PRO B 122 1.09 34.99 5.78
CA PRO B 122 -0.32 34.93 5.40
C PRO B 122 -0.48 34.45 3.98
N PRO B 123 -1.58 33.78 3.67
CA PRO B 123 -1.77 33.27 2.30
C PRO B 123 -1.85 34.40 1.29
N ALA B 124 -1.18 34.19 0.16
CA ALA B 124 -1.27 35.14 -0.94
C ALA B 124 -2.72 35.26 -1.41
N ALA B 125 -3.05 36.44 -1.97
CA ALA B 125 -4.43 36.78 -2.27
C ALA B 125 -5.09 35.77 -3.20
N ASP B 126 -4.34 35.21 -4.13
CA ASP B 126 -4.95 34.34 -5.12
C ASP B 126 -5.11 32.89 -4.66
N GLN B 127 -4.75 32.58 -3.41
CA GLN B 127 -4.97 31.23 -2.90
C GLN B 127 -6.46 30.96 -2.68
N VAL B 128 -7.17 31.90 -2.08
CA VAL B 128 -8.52 31.63 -1.60
C VAL B 128 -9.44 31.18 -2.72
N ALA B 129 -9.25 31.72 -3.93
CA ALA B 129 -10.11 31.36 -5.05
C ALA B 129 -9.90 29.92 -5.52
N THR B 130 -8.83 29.25 -5.10
CA THR B 130 -8.65 27.84 -5.45
C THR B 130 -9.56 26.94 -4.62
N GLY B 131 -10.10 27.43 -3.51
CA GLY B 131 -10.89 26.62 -2.61
C GLY B 131 -10.15 26.12 -1.39
N THR B 132 -8.83 26.22 -1.36
CA THR B 132 -8.04 25.91 -0.18
C THR B 132 -7.01 27.00 0.05
N VAL B 133 -6.65 27.20 1.32
CA VAL B 133 -5.66 28.20 1.69
C VAL B 133 -4.59 27.53 2.53
N THR B 134 -3.32 27.88 2.27
CA THR B 134 -2.19 27.26 2.92
C THR B 134 -1.36 28.34 3.61
N ILE B 135 -1.27 28.25 4.94
CA ILE B 135 -0.52 29.21 5.74
C ILE B 135 0.80 28.56 6.13
N VAL B 136 1.90 29.30 5.96
CA VAL B 136 3.23 28.77 6.20
C VAL B 136 3.85 29.45 7.40
N CYS B 137 4.37 28.64 8.32
CA CYS B 137 5.14 29.07 9.47
C CYS B 137 6.53 28.47 9.39
N VAL B 138 7.55 29.27 9.72
CA VAL B 138 8.94 28.80 9.71
C VAL B 138 9.54 29.04 11.09
N ALA B 139 10.22 28.02 11.60
CA ALA B 139 11.04 28.12 12.80
C ALA B 139 12.50 28.14 12.36
N ASN B 140 13.20 29.22 12.72
CA ASN B 140 14.55 29.47 12.22
C ASN B 140 15.64 28.90 13.12
N LYS B 141 16.64 28.26 12.50
CA LYS B 141 17.95 27.92 13.07
C LYS B 141 17.92 27.61 14.56
N TYR B 142 17.63 26.37 14.91
CA TYR B 142 17.45 26.04 16.32
C TYR B 142 18.03 24.67 16.62
N PHE B 143 18.40 24.48 17.88
CA PHE B 143 18.65 23.18 18.46
C PHE B 143 18.47 23.29 19.96
N PRO B 144 17.85 22.28 20.60
CA PRO B 144 17.27 21.01 20.13
C PRO B 144 15.90 21.14 19.46
N ASP B 145 15.27 19.99 19.18
CA ASP B 145 14.01 19.94 18.44
C ASP B 145 12.92 20.77 19.11
N VAL B 146 11.96 21.22 18.30
CA VAL B 146 10.83 22.00 18.78
C VAL B 146 9.52 21.27 18.47
N THR B 147 8.45 21.73 19.10
CA THR B 147 7.08 21.38 18.78
C THR B 147 6.36 22.62 18.24
N VAL B 148 5.46 22.42 17.29
CA VAL B 148 4.71 23.50 16.67
C VAL B 148 3.23 23.29 16.95
N THR B 149 2.56 24.36 17.37
CA THR B 149 1.12 24.37 17.59
C THR B 149 0.50 25.44 16.69
N TRP B 150 -0.61 25.09 16.04
CA TRP B 150 -1.41 26.05 15.31
C TRP B 150 -2.67 26.34 16.10
N GLU B 151 -3.00 27.64 16.23
CA GLU B 151 -4.22 28.07 16.88
C GLU B 151 -4.99 28.97 15.92
N VAL B 152 -6.27 28.69 15.76
CA VAL B 152 -7.16 29.48 14.94
C VAL B 152 -8.23 30.04 15.87
N ASP B 153 -8.24 31.37 16.02
CA ASP B 153 -9.14 32.02 16.96
C ASP B 153 -9.01 31.43 18.36
N GLY B 154 -7.78 31.07 18.73
CA GLY B 154 -7.48 30.56 20.05
C GLY B 154 -7.55 29.05 20.20
N THR B 155 -8.12 28.34 19.23
CA THR B 155 -8.37 26.91 19.33
C THR B 155 -7.26 26.14 18.63
N THR B 156 -6.69 25.15 19.32
CA THR B 156 -5.60 24.38 18.74
C THR B 156 -6.11 23.54 17.57
N GLN B 157 -5.31 23.48 16.52
CA GLN B 157 -5.63 22.69 15.34
C GLN B 157 -4.98 21.32 15.45
N THR B 158 -5.69 20.29 14.98
CA THR B 158 -5.16 18.93 15.01
C THR B 158 -5.19 18.22 13.66
N THR B 159 -5.69 18.87 12.62
CA THR B 159 -5.67 18.32 11.27
C THR B 159 -5.25 19.40 10.29
N GLY B 160 -4.81 18.98 9.12
CA GLY B 160 -4.39 19.91 8.08
C GLY B 160 -2.99 20.45 8.22
N ILE B 161 -2.16 19.86 9.07
CA ILE B 161 -0.81 20.35 9.36
C ILE B 161 0.20 19.37 8.77
N GLU B 162 1.17 19.92 8.02
CA GLU B 162 2.33 19.17 7.53
C GLU B 162 3.60 19.88 7.96
N ASN B 163 4.59 19.12 8.43
CA ASN B 163 5.85 19.69 8.88
C ASN B 163 7.00 19.14 8.04
N SER B 164 8.00 19.97 7.82
CA SER B 164 9.16 19.58 7.01
C SER B 164 10.40 20.20 7.63
N LYS B 165 11.34 19.35 8.04
CA LYS B 165 12.53 19.79 8.77
C LYS B 165 13.74 19.64 7.87
N THR B 166 14.60 20.65 7.85
CA THR B 166 15.88 20.51 7.15
C THR B 166 16.78 19.58 7.97
N PRO B 167 17.71 18.88 7.32
CA PRO B 167 18.67 18.07 8.08
C PRO B 167 19.55 18.98 8.93
N GLN B 168 20.07 18.43 10.02
CA GLN B 168 20.98 19.19 10.87
C GLN B 168 22.09 19.83 10.03
N ASN B 169 22.37 21.10 10.33
CA ASN B 169 23.42 21.81 9.62
C ASN B 169 24.77 21.14 9.86
N SER B 170 25.49 20.86 8.77
CA SER B 170 26.76 20.15 8.88
C SER B 170 27.84 20.95 9.60
N ALA B 171 27.61 22.24 9.89
CA ALA B 171 28.58 23.06 10.61
C ALA B 171 28.17 23.34 12.05
N ASP B 172 26.87 23.58 12.31
CA ASP B 172 26.46 23.99 13.65
C ASP B 172 25.33 23.15 14.24
N CYS B 173 24.90 22.09 13.55
CA CYS B 173 23.94 21.11 14.05
C CYS B 173 22.49 21.63 14.09
N THR B 174 22.24 22.89 13.70
CA THR B 174 20.90 23.44 13.87
C THR B 174 19.95 22.94 12.78
N TYR B 175 18.66 23.00 13.11
CA TYR B 175 17.55 22.67 12.23
C TYR B 175 16.84 23.94 11.76
N ASN B 176 16.10 23.78 10.67
CA ASN B 176 15.04 24.71 10.29
C ASN B 176 13.78 23.90 10.02
N LEU B 177 12.63 24.51 10.28
CA LEU B 177 11.35 23.83 10.19
C LEU B 177 10.34 24.65 9.40
N SER B 178 9.70 24.00 8.44
CA SER B 178 8.51 24.53 7.78
C SER B 178 7.30 23.80 8.35
N SER B 179 6.30 24.56 8.79
CA SER B 179 5.03 24.00 9.22
C SER B 179 3.93 24.70 8.44
N THR B 180 3.08 23.94 7.76
CA THR B 180 2.02 24.51 6.94
C THR B 180 0.67 24.02 7.40
N LEU B 181 -0.27 24.95 7.50
CA LEU B 181 -1.66 24.66 7.83
C LEU B 181 -2.51 24.93 6.59
N THR B 182 -3.30 23.93 6.19
CA THR B 182 -4.17 24.02 5.02
C THR B 182 -5.62 23.94 5.46
N LEU B 183 -6.42 24.93 5.05
CA LEU B 183 -7.84 24.98 5.35
C LEU B 183 -8.63 25.16 4.05
N THR B 184 -9.91 24.83 4.10
CA THR B 184 -10.78 25.25 3.01
C THR B 184 -10.91 26.78 3.04
N SER B 185 -11.25 27.33 1.87
CA SER B 185 -11.52 28.77 1.82
C SER B 185 -12.66 29.15 2.75
N THR B 186 -13.67 28.28 2.87
CA THR B 186 -14.79 28.57 3.77
C THR B 186 -14.33 28.66 5.21
N GLN B 187 -13.48 27.71 5.64
CA GLN B 187 -12.95 27.76 6.99
C GLN B 187 -12.10 29.00 7.20
N TYR B 188 -11.23 29.31 6.24
CA TYR B 188 -10.34 30.45 6.40
C TYR B 188 -11.12 31.76 6.53
N ASN B 189 -12.14 31.95 5.70
CA ASN B 189 -12.94 33.16 5.77
C ASN B 189 -13.88 33.20 6.97
N SER B 190 -13.97 32.09 7.72
CA SER B 190 -14.83 32.03 8.89
C SER B 190 -14.09 32.33 10.18
N HIS B 191 -12.80 32.65 10.11
CA HIS B 191 -11.99 32.86 11.31
C HIS B 191 -11.05 34.02 11.09
N LYS B 192 -10.51 34.54 12.20
CA LYS B 192 -9.80 35.81 12.14
C LYS B 192 -8.33 35.69 12.50
N GLU B 193 -8.00 35.09 13.64
CA GLU B 193 -6.64 35.09 14.15
C GLU B 193 -5.97 33.76 13.85
N TYR B 194 -4.77 33.82 13.27
CA TYR B 194 -4.00 32.64 12.92
C TYR B 194 -2.63 32.75 13.59
N THR B 195 -2.32 31.80 14.47
CA THR B 195 -1.13 31.85 15.29
C THR B 195 -0.32 30.58 15.12
N CYS B 196 0.99 30.73 14.94
CA CYS B 196 1.93 29.64 14.96
C CYS B 196 2.77 29.77 16.22
N LYS B 197 2.73 28.76 17.08
CA LYS B 197 3.51 28.72 18.31
C LYS B 197 4.58 27.64 18.22
N VAL B 198 5.81 28.00 18.56
CA VAL B 198 6.96 27.11 18.49
C VAL B 198 7.51 26.96 19.89
N THR B 199 7.52 25.73 20.39
CA THR B 199 7.94 25.47 21.77
C THR B 199 9.24 24.66 21.78
N GLN B 200 10.23 25.13 22.53
CA GLN B 200 11.49 24.46 22.74
C GLN B 200 11.69 24.25 24.23
N GLY B 201 11.65 23.00 24.68
CA GLY B 201 11.68 22.73 26.11
C GLY B 201 10.42 23.29 26.76
N THR B 202 10.57 24.31 27.60
CA THR B 202 9.45 24.99 28.21
C THR B 202 9.32 26.44 27.74
N THR B 203 9.97 26.81 26.64
CA THR B 203 10.00 28.20 26.19
C THR B 203 9.34 28.30 24.83
N SER B 204 8.33 29.15 24.73
CA SER B 204 7.57 29.31 23.50
C SER B 204 7.82 30.67 22.87
N VAL B 205 7.78 30.70 21.53
CA VAL B 205 7.71 31.92 20.74
C VAL B 205 6.53 31.76 19.78
N VAL B 206 6.02 32.89 19.28
CA VAL B 206 4.80 32.93 18.49
C VAL B 206 4.90 33.98 17.40
N GLN B 207 4.26 33.71 16.26
CA GLN B 207 3.88 34.77 15.34
C GLN B 207 2.41 34.59 14.97
N SER B 208 1.75 35.72 14.69
CA SER B 208 0.31 35.70 14.49
C SER B 208 -0.07 36.80 13.51
N PHE B 209 -1.19 36.59 12.81
CA PHE B 209 -1.78 37.63 11.98
C PHE B 209 -3.30 37.46 11.99
N ASN B 210 -3.99 38.50 11.55
CA ASN B 210 -5.44 38.45 11.43
C ASN B 210 -5.85 38.53 9.97
N ARG B 211 -6.73 37.62 9.55
CA ARG B 211 -7.27 37.66 8.20
C ARG B 211 -7.85 39.04 7.91
N GLU C 12 -30.62 3.58 -3.49
CA GLU C 12 -29.72 4.71 -3.73
C GLU C 12 -28.28 4.36 -3.35
N GLU C 13 -28.13 3.44 -2.40
CA GLU C 13 -26.81 3.03 -1.94
C GLU C 13 -26.26 1.91 -2.81
N SER C 14 -25.02 2.05 -3.25
CA SER C 14 -24.46 1.18 -4.29
C SER C 14 -23.86 -0.12 -3.74
N GLY C 15 -23.32 -0.10 -2.53
CA GLY C 15 -22.55 -1.21 -2.03
C GLY C 15 -21.05 -1.05 -2.18
N GLY C 16 -20.61 0.09 -2.72
CA GLY C 16 -19.20 0.38 -2.85
C GLY C 16 -18.97 1.88 -2.83
N ARG C 17 -17.69 2.27 -2.78
CA ARG C 17 -17.30 3.68 -2.76
C ARG C 17 -16.04 3.88 -3.56
N LEU C 18 -15.92 5.07 -4.15
CA LEU C 18 -14.67 5.57 -4.72
C LEU C 18 -14.39 6.92 -4.11
N VAL C 19 -13.23 7.08 -3.51
CA VAL C 19 -12.84 8.36 -2.92
C VAL C 19 -11.37 8.61 -3.25
N THR C 20 -11.05 9.86 -3.53
CA THR C 20 -9.65 10.15 -3.76
C THR C 20 -8.91 10.18 -2.42
N PRO C 21 -7.62 9.86 -2.43
CA PRO C 21 -6.84 9.90 -1.18
C PRO C 21 -6.98 11.24 -0.48
N GLY C 22 -7.06 11.20 0.85
CA GLY C 22 -7.15 12.39 1.67
C GLY C 22 -8.55 12.93 1.88
N THR C 23 -9.52 12.53 1.06
CA THR C 23 -10.90 12.96 1.25
C THR C 23 -11.59 12.06 2.27
N PRO C 24 -11.99 12.60 3.43
CA PRO C 24 -12.63 11.76 4.45
C PRO C 24 -13.88 11.09 3.93
N LEU C 25 -14.06 9.83 4.32
CA LEU C 25 -15.21 9.01 3.94
C LEU C 25 -15.94 8.58 5.20
N THR C 26 -17.26 8.79 5.23
CA THR C 26 -18.10 8.36 6.34
C THR C 26 -19.03 7.25 5.87
N LEU C 27 -18.99 6.11 6.58
CA LEU C 27 -19.89 5.01 6.37
C LEU C 27 -20.87 4.90 7.54
N THR C 28 -22.13 4.65 7.24
CA THR C 28 -23.19 4.56 8.24
C THR C 28 -23.59 3.10 8.44
N CYS C 29 -23.61 2.66 9.69
CA CYS C 29 -23.96 1.27 9.98
C CYS C 29 -25.46 1.04 9.81
N THR C 30 -25.83 -0.05 9.14
CA THR C 30 -27.24 -0.36 8.99
C THR C 30 -27.83 -1.09 10.19
N VAL C 31 -26.98 -1.66 11.06
CA VAL C 31 -27.45 -2.25 12.31
C VAL C 31 -27.69 -1.15 13.34
N SER C 32 -28.83 -1.20 14.01
CA SER C 32 -29.15 -0.16 14.98
C SER C 32 -28.20 -0.22 16.18
N ALA C 33 -28.05 0.94 16.84
CA ALA C 33 -27.18 1.04 18.01
C ALA C 33 -27.65 0.11 19.12
N CYS C 34 -26.73 -0.19 20.03
CA CYS C 34 -27.01 -1.07 21.17
C CYS C 34 -28.18 -0.57 22.00
N SER C 35 -29.10 -1.49 22.31
CA SER C 35 -30.09 -1.26 23.35
C SER C 35 -29.65 -1.79 24.70
N LEU C 36 -28.84 -2.86 24.71
CA LEU C 36 -28.30 -3.42 25.94
C LEU C 36 -27.09 -2.62 26.40
N TYR C 37 -26.92 -2.54 27.72
CA TYR C 37 -25.79 -1.79 28.27
C TYR C 37 -24.46 -2.41 27.85
N HIS C 38 -24.30 -3.72 28.08
CA HIS C 38 -23.05 -4.42 27.76
C HIS C 38 -23.11 -4.88 26.31
N CYS C 39 -22.76 -3.97 25.42
CA CYS C 39 -22.93 -4.15 23.98
C CYS C 39 -22.07 -3.11 23.27
N THR C 40 -21.45 -3.50 22.16
CA THR C 40 -20.64 -2.57 21.39
C THR C 40 -21.04 -2.67 19.92
N MET C 41 -20.93 -1.54 19.21
CA MET C 41 -20.96 -1.55 17.76
C MET C 41 -19.52 -1.52 17.28
N ASN C 42 -19.22 -2.38 16.32
CA ASN C 42 -17.87 -2.64 15.86
C ASN C 42 -17.77 -2.36 14.37
N TRP C 43 -16.57 -1.96 13.94
CA TRP C 43 -16.25 -1.89 12.53
C TRP C 43 -15.12 -2.84 12.22
N VAL C 44 -15.24 -3.55 11.10
CA VAL C 44 -14.32 -4.61 10.68
C VAL C 44 -14.05 -4.41 9.20
N ARG C 45 -12.78 -4.46 8.81
CA ARG C 45 -12.43 -4.40 7.39
C ARG C 45 -11.94 -5.77 6.91
N GLN C 46 -12.00 -5.95 5.60
CA GLN C 46 -11.49 -7.16 4.96
C GLN C 46 -10.84 -6.74 3.65
N ALA C 47 -9.52 -6.61 3.66
CA ALA C 47 -8.79 -6.26 2.46
C ALA C 47 -8.80 -7.42 1.47
N PRO C 48 -8.60 -7.15 0.18
CA PRO C 48 -8.69 -8.20 -0.83
C PRO C 48 -7.84 -9.43 -0.50
N GLY C 49 -8.49 -10.60 -0.52
CA GLY C 49 -7.82 -11.86 -0.27
C GLY C 49 -7.25 -12.02 1.13
N LYS C 50 -7.50 -11.05 2.01
CA LYS C 50 -7.02 -11.09 3.39
C LYS C 50 -8.17 -11.44 4.34
N GLY C 51 -7.79 -11.67 5.60
CA GLY C 51 -8.75 -12.02 6.63
C GLY C 51 -9.42 -10.81 7.25
N LEU C 52 -10.29 -11.10 8.21
CA LEU C 52 -11.02 -10.05 8.92
C LEU C 52 -10.06 -9.27 9.82
N GLU C 53 -10.12 -7.94 9.73
CA GLU C 53 -9.31 -7.07 10.59
C GLU C 53 -10.24 -6.12 11.35
N TRP C 54 -10.31 -6.33 12.65
CA TRP C 54 -11.09 -5.46 13.54
C TRP C 54 -10.50 -4.05 13.54
N ILE C 55 -11.36 -3.05 13.36
CA ILE C 55 -10.94 -1.66 13.37
C ILE C 55 -11.15 -1.02 14.74
N GLY C 56 -12.32 -1.21 15.33
CA GLY C 56 -12.61 -0.61 16.62
C GLY C 56 -14.06 -0.78 17.00
N ASP C 57 -14.41 -0.25 18.17
CA ASP C 57 -15.79 -0.34 18.65
C ASP C 57 -16.15 0.89 19.47
N ILE C 58 -17.42 0.99 19.81
CA ILE C 58 -17.95 2.07 20.64
C ILE C 58 -18.88 1.45 21.68
N TYR C 59 -18.74 1.90 22.92
CA TYR C 59 -19.47 1.38 24.07
C TYR C 59 -20.67 2.28 24.37
N THR C 60 -21.59 1.76 25.20
CA THR C 60 -22.81 2.51 25.52
C THR C 60 -22.53 3.69 26.44
N ASP C 61 -21.35 3.80 27.02
CA ASP C 61 -20.95 5.00 27.75
C ASP C 61 -20.26 6.03 26.86
N GLY C 62 -20.24 5.80 25.55
CA GLY C 62 -19.62 6.72 24.62
C GLY C 62 -18.16 6.47 24.33
N ASN C 63 -17.50 5.60 25.10
CA ASN C 63 -16.08 5.36 24.88
C ASN C 63 -15.84 4.60 23.59
N THR C 64 -14.74 4.92 22.92
CA THR C 64 -14.32 4.26 21.69
C THR C 64 -12.94 3.66 21.85
N TYR C 65 -12.73 2.53 21.19
CA TYR C 65 -11.43 1.87 21.15
C TYR C 65 -11.08 1.57 19.71
N TYR C 66 -9.79 1.59 19.40
CA TYR C 66 -9.32 1.29 18.05
C TYR C 66 -8.18 0.29 18.12
N ALA C 67 -8.11 -0.57 17.10
CA ALA C 67 -6.95 -1.42 16.92
C ALA C 67 -5.71 -0.54 16.86
N ASN C 68 -4.59 -1.06 17.38
CA ASN C 68 -3.38 -0.26 17.50
C ASN C 68 -2.98 0.38 16.17
N TRP C 69 -3.04 -0.40 15.08
CA TRP C 69 -2.73 0.17 13.76
C TRP C 69 -3.74 1.21 13.32
N ALA C 70 -4.95 1.16 13.88
CA ALA C 70 -6.05 2.00 13.45
C ALA C 70 -6.18 3.28 14.25
N LYS C 71 -5.43 3.41 15.35
CA LYS C 71 -5.50 4.61 16.18
C LYS C 71 -5.10 5.86 15.38
N GLY C 72 -5.95 6.88 15.44
CA GLY C 72 -5.72 8.10 14.70
C GLY C 72 -6.09 8.03 13.24
N ARG C 73 -6.45 6.84 12.72
CA ARG C 73 -6.86 6.69 11.33
C ARG C 73 -8.37 6.67 11.15
N PHE C 74 -9.15 6.50 12.23
CA PHE C 74 -10.60 6.41 12.14
C PHE C 74 -11.24 7.12 13.32
N THR C 75 -12.52 7.48 13.16
CA THR C 75 -13.36 7.93 14.25
C THR C 75 -14.74 7.27 14.15
N ILE C 76 -15.14 6.61 15.23
CA ILE C 76 -16.46 5.99 15.35
C ILE C 76 -17.33 6.90 16.21
N SER C 77 -18.55 7.17 15.74
CA SER C 77 -19.45 8.05 16.48
C SER C 77 -20.87 7.55 16.33
N LYS C 78 -21.73 8.02 17.23
CA LYS C 78 -23.13 7.64 17.28
C LYS C 78 -23.98 8.91 17.25
N THR C 79 -25.04 8.88 16.45
CA THR C 79 -26.01 9.98 16.42
C THR C 79 -27.39 9.36 16.48
N SER C 80 -28.15 9.71 17.52
CA SER C 80 -29.37 9.00 17.86
C SER C 80 -29.03 7.52 17.94
N THR C 81 -29.60 6.72 17.04
CA THR C 81 -29.39 5.27 17.06
C THR C 81 -28.64 4.76 15.84
N THR C 82 -27.87 5.61 15.18
CA THR C 82 -27.02 5.17 14.09
C THR C 82 -25.56 5.38 14.47
N VAL C 83 -24.71 4.47 14.01
CA VAL C 83 -23.27 4.52 14.27
C VAL C 83 -22.55 4.71 12.95
N ASP C 84 -21.63 5.66 12.91
CA ASP C 84 -20.83 5.92 11.72
C ASP C 84 -19.40 5.48 11.94
N LEU C 85 -18.66 5.35 10.83
CA LEU C 85 -17.21 5.25 10.82
C LEU C 85 -16.70 6.33 9.89
N LYS C 86 -15.77 7.14 10.36
CA LYS C 86 -15.11 8.14 9.53
C LYS C 86 -13.69 7.68 9.28
N ILE C 87 -13.32 7.52 8.01
CA ILE C 87 -11.94 7.30 7.63
C ILE C 87 -11.33 8.68 7.44
N THR C 88 -10.42 9.06 8.35
CA THR C 88 -10.08 10.46 8.53
C THR C 88 -9.24 10.99 7.37
N SER C 89 -8.32 10.19 6.83
CA SER C 89 -7.48 10.59 5.70
C SER C 89 -7.17 9.37 4.84
N PRO C 90 -8.11 8.96 3.99
CA PRO C 90 -7.97 7.67 3.30
C PRO C 90 -6.73 7.60 2.41
N THR C 91 -6.13 6.41 2.37
CA THR C 91 -5.02 6.08 1.50
C THR C 91 -5.37 4.85 0.68
N THR C 92 -4.59 4.59 -0.37
CA THR C 92 -4.86 3.41 -1.20
C THR C 92 -4.78 2.13 -0.39
N GLU C 93 -4.11 2.13 0.76
CA GLU C 93 -4.09 0.97 1.65
C GLU C 93 -5.37 0.81 2.44
N ASP C 94 -6.34 1.71 2.29
CA ASP C 94 -7.63 1.57 2.94
C ASP C 94 -8.68 0.92 2.03
N THR C 95 -8.32 0.62 0.79
CA THR C 95 -9.18 -0.16 -0.11
C THR C 95 -9.50 -1.51 0.53
N ALA C 96 -10.78 -1.76 0.75
CA ALA C 96 -11.23 -2.95 1.48
C ALA C 96 -12.75 -2.98 1.51
N THR C 97 -13.28 -4.14 1.86
CA THR C 97 -14.68 -4.24 2.26
C THR C 97 -14.79 -3.84 3.73
N TYR C 98 -15.84 -3.10 4.07
CA TYR C 98 -16.05 -2.64 5.44
C TYR C 98 -17.38 -3.16 5.95
N PHE C 99 -17.34 -3.80 7.12
CA PHE C 99 -18.53 -4.29 7.82
C PHE C 99 -18.69 -3.57 9.15
N CYS C 100 -19.94 -3.37 9.56
CA CYS C 100 -20.25 -3.10 10.95
C CYS C 100 -20.92 -4.33 11.58
N ALA C 101 -20.72 -4.48 12.88
CA ALA C 101 -21.20 -5.66 13.60
C ALA C 101 -21.45 -5.30 15.05
N ARG C 102 -22.44 -5.96 15.66
CA ARG C 102 -22.83 -5.70 17.04
C ARG C 102 -22.64 -6.94 17.89
N ASP C 103 -22.14 -6.75 19.11
CA ASP C 103 -22.04 -7.87 20.04
C ASP C 103 -22.68 -7.55 21.38
N SER C 104 -22.56 -8.49 22.33
CA SER C 104 -23.09 -8.30 23.68
C SER C 104 -22.41 -9.32 24.59
N TRP C 105 -22.55 -9.11 25.89
CA TRP C 105 -21.94 -10.01 26.87
C TRP C 105 -22.57 -9.79 28.23
N ASP C 106 -22.28 -10.71 29.14
CA ASP C 106 -22.53 -10.48 30.56
C ASP C 106 -21.26 -10.88 31.31
N ALA C 107 -21.38 -11.04 32.63
CA ALA C 107 -20.23 -11.37 33.48
C ALA C 107 -19.70 -12.78 33.25
N SER C 108 -20.35 -13.57 32.42
CA SER C 108 -19.92 -14.92 32.14
C SER C 108 -19.76 -15.22 30.66
N SER C 109 -20.64 -14.69 29.82
CA SER C 109 -20.73 -15.10 28.42
C SER C 109 -20.48 -13.92 27.49
N TYR C 110 -19.62 -14.15 26.48
CA TYR C 110 -19.54 -13.28 25.30
C TYR C 110 -20.49 -13.86 24.27
N TYR C 111 -21.53 -13.10 23.92
CA TYR C 111 -22.53 -13.60 22.97
C TYR C 111 -22.16 -13.38 21.51
N GLY C 112 -20.99 -12.82 21.25
CA GLY C 112 -20.47 -12.74 19.90
C GLY C 112 -21.07 -11.61 19.10
N LEU C 113 -20.44 -11.35 17.96
CA LEU C 113 -20.95 -10.43 16.95
C LEU C 113 -22.08 -11.14 16.21
N ASP C 114 -23.29 -10.96 16.69
CA ASP C 114 -24.43 -11.72 16.16
C ASP C 114 -25.10 -11.01 14.99
N LEU C 115 -25.04 -9.68 14.92
CA LEU C 115 -25.67 -8.92 13.85
C LEU C 115 -24.61 -8.22 13.02
N TRP C 116 -24.61 -8.47 11.71
CA TRP C 116 -23.69 -7.85 10.79
C TRP C 116 -24.44 -7.11 9.68
N GLY C 117 -23.88 -6.00 9.27
CA GLY C 117 -24.36 -5.36 8.07
C GLY C 117 -23.69 -5.96 6.84
N GLN C 118 -24.29 -5.69 5.69
CA GLN C 118 -23.64 -6.07 4.44
C GLN C 118 -22.38 -5.23 4.25
N GLY C 119 -21.40 -5.80 3.55
CA GLY C 119 -20.15 -5.11 3.35
C GLY C 119 -20.26 -3.98 2.35
N THR C 120 -19.44 -2.95 2.55
CA THR C 120 -19.27 -1.88 1.57
C THR C 120 -17.89 -2.03 0.93
N LEU C 121 -17.86 -2.03 -0.41
CA LEU C 121 -16.64 -2.29 -1.18
C LEU C 121 -15.95 -0.96 -1.48
N VAL C 122 -15.01 -0.57 -0.62
CA VAL C 122 -14.36 0.74 -0.69
C VAL C 122 -13.06 0.61 -1.46
N THR C 123 -12.89 1.49 -2.46
CA THR C 123 -11.65 1.67 -3.18
C THR C 123 -11.22 3.12 -3.00
N VAL C 124 -9.97 3.32 -2.58
CA VAL C 124 -9.37 4.65 -2.53
C VAL C 124 -8.40 4.75 -3.71
N SER C 125 -8.61 5.73 -4.58
CA SER C 125 -7.83 5.82 -5.81
C SER C 125 -7.89 7.25 -6.34
N SER C 126 -6.79 7.66 -6.96
CA SER C 126 -6.74 8.94 -7.65
C SER C 126 -7.25 8.88 -9.08
N GLY C 127 -7.74 7.71 -9.53
CA GLY C 127 -8.30 7.60 -10.86
C GLY C 127 -9.76 8.00 -10.92
N GLN C 128 -10.19 8.41 -12.12
CA GLN C 128 -11.57 8.80 -12.31
C GLN C 128 -12.45 7.55 -12.31
N PRO C 129 -13.71 7.68 -11.87
CA PRO C 129 -14.63 6.54 -11.96
C PRO C 129 -14.84 6.17 -13.41
N LYS C 130 -15.04 4.88 -13.66
CA LYS C 130 -15.16 4.37 -15.02
C LYS C 130 -16.31 3.37 -15.07
N GLY C 131 -17.18 3.53 -16.08
CA GLY C 131 -18.22 2.56 -16.31
C GLY C 131 -17.67 1.36 -17.05
N PRO C 132 -18.35 0.21 -16.96
CA PRO C 132 -17.83 -1.00 -17.62
C PRO C 132 -18.05 -0.97 -19.12
N SER C 133 -17.09 -1.53 -19.83
CA SER C 133 -17.28 -1.95 -21.22
C SER C 133 -17.79 -3.39 -21.19
N VAL C 134 -18.91 -3.63 -21.87
CA VAL C 134 -19.56 -4.94 -21.88
C VAL C 134 -19.41 -5.55 -23.27
N PHE C 135 -18.89 -6.78 -23.31
CA PHE C 135 -18.68 -7.46 -24.56
C PHE C 135 -19.38 -8.82 -24.51
N PRO C 136 -20.02 -9.23 -25.60
CA PRO C 136 -20.68 -10.54 -25.62
C PRO C 136 -19.68 -11.67 -25.70
N LEU C 137 -20.03 -12.79 -25.08
CA LEU C 137 -19.26 -14.03 -25.12
C LEU C 137 -20.11 -15.07 -25.83
N ALA C 138 -19.60 -15.61 -26.92
CA ALA C 138 -20.33 -16.60 -27.69
C ALA C 138 -19.33 -17.56 -28.31
N PRO C 139 -19.68 -18.84 -28.48
CA PRO C 139 -18.74 -19.78 -29.09
C PRO C 139 -18.39 -19.37 -30.51
N CYS C 140 -17.20 -19.77 -30.96
CA CYS C 140 -16.73 -19.42 -32.29
C CYS C 140 -17.59 -20.13 -33.35
N SER C 146 -24.37 -29.95 -28.67
CA SER C 146 -24.90 -28.63 -28.96
C SER C 146 -26.44 -28.59 -28.92
N SER C 147 -27.04 -29.40 -28.05
CA SER C 147 -28.43 -29.14 -27.67
C SER C 147 -28.53 -27.98 -26.70
N THR C 148 -27.44 -27.66 -26.01
CA THR C 148 -27.35 -26.46 -25.19
C THR C 148 -26.11 -25.68 -25.62
N VAL C 149 -26.11 -24.39 -25.30
CA VAL C 149 -24.97 -23.53 -25.56
C VAL C 149 -24.79 -22.62 -24.36
N THR C 150 -23.55 -22.19 -24.15
CA THR C 150 -23.23 -21.25 -23.08
C THR C 150 -22.87 -19.92 -23.70
N LEU C 151 -23.61 -18.88 -23.34
CA LEU C 151 -23.39 -17.51 -23.77
C LEU C 151 -23.03 -16.68 -22.56
N GLY C 152 -22.52 -15.48 -22.79
CA GLY C 152 -22.18 -14.68 -21.62
C GLY C 152 -21.90 -13.25 -21.98
N CYS C 153 -21.47 -12.51 -20.95
CA CYS C 153 -21.08 -11.11 -21.09
C CYS C 153 -19.78 -10.90 -20.32
N LEU C 154 -18.81 -10.28 -20.99
CA LEU C 154 -17.59 -9.84 -20.35
C LEU C 154 -17.78 -8.38 -19.94
N VAL C 155 -17.52 -8.08 -18.67
CA VAL C 155 -17.76 -6.76 -18.08
C VAL C 155 -16.39 -6.26 -17.61
N LYS C 156 -15.73 -5.41 -18.39
CA LYS C 156 -14.35 -5.10 -18.07
C LYS C 156 -14.12 -3.61 -17.89
N GLY C 157 -13.19 -3.29 -16.99
CA GLY C 157 -12.64 -1.95 -16.87
C GLY C 157 -13.45 -0.96 -16.06
N TYR C 158 -14.16 -1.40 -15.03
CA TYR C 158 -14.94 -0.47 -14.23
C TYR C 158 -14.24 -0.11 -12.92
N LEU C 159 -14.75 0.96 -12.32
CA LEU C 159 -14.19 1.54 -11.10
C LEU C 159 -15.22 2.51 -10.54
N PRO C 160 -15.65 2.32 -9.28
CA PRO C 160 -15.37 1.27 -8.30
C PRO C 160 -16.32 0.09 -8.45
N GLU C 161 -16.18 -0.91 -7.59
CA GLU C 161 -17.20 -1.94 -7.43
C GLU C 161 -18.43 -1.32 -6.76
N PRO C 162 -19.60 -1.96 -6.88
CA PRO C 162 -19.89 -3.19 -7.64
C PRO C 162 -20.57 -2.94 -8.97
N VAL C 163 -20.58 -3.96 -9.84
CA VAL C 163 -21.59 -4.07 -10.88
C VAL C 163 -22.55 -5.18 -10.45
N THR C 164 -23.79 -5.11 -10.92
CA THR C 164 -24.71 -6.23 -10.82
C THR C 164 -25.05 -6.72 -12.21
N VAL C 165 -25.18 -8.03 -12.36
CA VAL C 165 -25.51 -8.62 -13.65
C VAL C 165 -26.76 -9.46 -13.48
N THR C 166 -27.79 -9.16 -14.26
CA THR C 166 -28.96 -10.01 -14.38
C THR C 166 -29.10 -10.45 -15.83
N TRP C 167 -29.90 -11.48 -16.05
CA TRP C 167 -30.20 -11.93 -17.40
C TRP C 167 -31.70 -11.81 -17.64
N ASN C 168 -32.06 -11.26 -18.81
CA ASN C 168 -33.45 -11.01 -19.16
C ASN C 168 -34.18 -10.27 -18.06
N SER C 169 -33.53 -9.22 -17.55
CA SER C 169 -34.09 -8.37 -16.49
C SER C 169 -34.45 -9.15 -15.24
N GLY C 170 -33.68 -10.19 -14.93
CA GLY C 170 -33.88 -10.99 -13.73
C GLY C 170 -34.83 -12.16 -13.88
N THR C 171 -35.44 -12.34 -15.06
CA THR C 171 -36.35 -13.46 -15.26
C THR C 171 -35.63 -14.76 -15.62
N LEU C 172 -34.34 -14.69 -15.93
CA LEU C 172 -33.54 -15.87 -16.24
C LEU C 172 -32.48 -16.02 -15.16
N THR C 173 -32.60 -17.07 -14.35
CA THR C 173 -31.65 -17.32 -13.28
C THR C 173 -31.11 -18.74 -13.36
N ASN C 174 -31.91 -19.66 -13.89
CA ASN C 174 -31.47 -21.02 -14.08
C ASN C 174 -30.25 -21.06 -15.00
N GLY C 175 -29.20 -21.72 -14.54
CA GLY C 175 -28.00 -21.91 -15.35
C GLY C 175 -27.06 -20.72 -15.42
N VAL C 176 -27.26 -19.70 -14.59
CA VAL C 176 -26.38 -18.54 -14.58
C VAL C 176 -25.18 -18.80 -13.68
N ARG C 177 -23.98 -18.46 -14.16
CA ARG C 177 -22.79 -18.41 -13.32
C ARG C 177 -22.14 -17.04 -13.49
N THR C 178 -22.07 -16.29 -12.39
CA THR C 178 -21.39 -14.99 -12.40
C THR C 178 -20.16 -15.11 -11.51
N PHE C 179 -18.99 -14.92 -12.10
CA PHE C 179 -17.75 -15.13 -11.38
C PHE C 179 -17.42 -13.94 -10.50
N PRO C 180 -16.64 -14.14 -9.43
CA PRO C 180 -16.19 -13.02 -8.61
C PRO C 180 -15.41 -12.00 -9.43
N SER C 181 -15.56 -10.72 -9.07
CA SER C 181 -14.76 -9.71 -9.72
C SER C 181 -13.28 -9.96 -9.43
N VAL C 182 -12.44 -9.46 -10.33
CA VAL C 182 -10.99 -9.41 -10.15
C VAL C 182 -10.53 -7.99 -10.41
N ARG C 183 -9.58 -7.50 -9.60
CA ARG C 183 -8.99 -6.20 -9.84
C ARG C 183 -7.74 -6.35 -10.70
N GLN C 184 -7.79 -5.79 -11.91
CA GLN C 184 -6.65 -5.81 -12.82
C GLN C 184 -5.49 -5.00 -12.27
N SER C 185 -4.29 -5.26 -12.81
CA SER C 185 -3.11 -4.52 -12.37
C SER C 185 -3.25 -3.02 -12.62
N SER C 186 -4.15 -2.63 -13.52
CA SER C 186 -4.44 -1.22 -13.80
C SER C 186 -5.18 -0.53 -12.66
N GLY C 187 -5.76 -1.29 -11.74
CA GLY C 187 -6.67 -0.76 -10.76
C GLY C 187 -8.14 -0.91 -11.11
N LEU C 188 -8.45 -1.19 -12.37
CA LEU C 188 -9.84 -1.37 -12.77
C LEU C 188 -10.30 -2.79 -12.47
N TYR C 189 -11.62 -2.98 -12.47
CA TYR C 189 -12.21 -4.27 -12.15
C TYR C 189 -12.82 -4.89 -13.39
N SER C 190 -12.96 -6.21 -13.34
CA SER C 190 -13.54 -6.94 -14.46
C SER C 190 -14.14 -8.23 -13.93
N LEU C 191 -15.19 -8.70 -14.62
CA LEU C 191 -15.77 -10.00 -14.33
C LEU C 191 -16.52 -10.46 -15.58
N SER C 192 -16.92 -11.73 -15.56
CA SER C 192 -17.76 -12.29 -16.60
C SER C 192 -18.91 -13.07 -15.98
N SER C 193 -20.04 -13.08 -16.69
CA SER C 193 -21.20 -13.88 -16.33
C SER C 193 -21.59 -14.69 -17.55
N VAL C 194 -21.88 -15.97 -17.33
CA VAL C 194 -22.26 -16.86 -18.41
C VAL C 194 -23.58 -17.54 -18.07
N VAL C 195 -24.31 -17.94 -19.10
CA VAL C 195 -25.58 -18.63 -18.92
C VAL C 195 -25.68 -19.74 -19.94
N SER C 196 -26.16 -20.89 -19.50
CA SER C 196 -26.36 -22.04 -20.37
C SER C 196 -27.84 -22.15 -20.71
N VAL C 197 -28.14 -22.21 -22.01
CA VAL C 197 -29.51 -22.24 -22.49
C VAL C 197 -29.66 -23.29 -23.60
N THR C 198 -30.91 -23.68 -23.85
CA THR C 198 -31.20 -24.53 -24.99
C THR C 198 -30.82 -23.83 -26.28
N SER C 199 -30.21 -24.59 -27.20
CA SER C 199 -29.80 -24.01 -28.47
C SER C 199 -30.97 -23.51 -29.30
N SER C 200 -32.20 -23.85 -28.92
CA SER C 200 -33.39 -23.32 -29.60
C SER C 200 -33.85 -21.99 -29.03
N SER C 201 -33.36 -21.62 -27.86
CA SER C 201 -33.90 -20.47 -27.13
C SER C 201 -33.78 -19.18 -27.93
N GLN C 202 -34.70 -18.26 -27.66
CA GLN C 202 -34.65 -16.93 -28.23
C GLN C 202 -33.43 -16.21 -27.64
N PRO C 203 -33.02 -15.08 -28.22
CA PRO C 203 -31.83 -14.38 -27.71
C PRO C 203 -31.96 -14.02 -26.24
N VAL C 204 -30.81 -13.97 -25.57
CA VAL C 204 -30.73 -13.68 -24.15
C VAL C 204 -29.93 -12.42 -23.95
N THR C 205 -30.31 -11.66 -22.92
CA THR C 205 -29.79 -10.31 -22.71
C THR C 205 -29.20 -10.20 -21.30
N CYS C 206 -27.98 -9.72 -21.21
CA CYS C 206 -27.39 -9.42 -19.92
C CYS C 206 -27.60 -7.94 -19.61
N ASN C 207 -28.02 -7.65 -18.38
CA ASN C 207 -28.19 -6.28 -17.91
C ASN C 207 -27.11 -6.01 -16.88
N VAL C 208 -26.21 -5.10 -17.21
CA VAL C 208 -25.04 -4.81 -16.39
C VAL C 208 -25.23 -3.41 -15.83
N ALA C 209 -25.50 -3.31 -14.53
CA ALA C 209 -25.73 -2.03 -13.87
C ALA C 209 -24.50 -1.61 -13.08
N HIS C 210 -24.13 -0.33 -13.18
CA HIS C 210 -22.98 0.21 -12.45
C HIS C 210 -23.46 1.50 -11.79
N PRO C 211 -24.06 1.40 -10.59
CA PRO C 211 -24.65 2.59 -9.97
C PRO C 211 -23.67 3.73 -9.79
N ALA C 212 -22.38 3.44 -9.63
CA ALA C 212 -21.41 4.51 -9.39
C ALA C 212 -21.30 5.45 -10.58
N THR C 213 -21.61 5.00 -11.79
CA THR C 213 -21.62 5.88 -12.96
C THR C 213 -23.02 6.05 -13.55
N ASN C 214 -24.06 5.66 -12.81
CA ASN C 214 -25.46 5.90 -13.18
C ASN C 214 -25.79 5.27 -14.54
N THR C 215 -25.24 4.09 -14.80
CA THR C 215 -25.31 3.48 -16.11
C THR C 215 -25.73 2.02 -16.00
N LYS C 216 -26.63 1.60 -16.89
CA LYS C 216 -26.91 0.20 -17.10
C LYS C 216 -26.74 -0.08 -18.59
N VAL C 217 -26.12 -1.22 -18.90
CA VAL C 217 -25.90 -1.65 -20.28
C VAL C 217 -26.61 -2.98 -20.46
N ASP C 218 -27.47 -3.06 -21.47
CA ASP C 218 -28.22 -4.26 -21.82
C ASP C 218 -27.64 -4.80 -23.12
N LYS C 219 -27.03 -5.99 -23.07
CA LYS C 219 -26.38 -6.59 -24.22
C LYS C 219 -27.09 -7.89 -24.56
N THR C 220 -27.71 -7.94 -25.74
CA THR C 220 -28.36 -9.15 -26.23
C THR C 220 -27.34 -10.00 -26.94
N VAL C 221 -27.25 -11.28 -26.56
CA VAL C 221 -26.22 -12.19 -27.02
C VAL C 221 -26.87 -13.31 -27.81
N ALA C 222 -26.37 -13.55 -29.03
CA ALA C 222 -26.89 -14.62 -29.85
C ALA C 222 -25.77 -15.56 -30.26
N PRO C 223 -26.04 -16.87 -30.33
CA PRO C 223 -25.06 -17.86 -30.80
C PRO C 223 -24.65 -17.62 -32.25
N ALA D 1 -0.60 -7.05 24.40
CA ALA D 1 -1.63 -7.23 23.37
C ALA D 1 -2.00 -8.71 23.24
N ILE D 2 -3.29 -9.01 23.28
CA ILE D 2 -3.73 -10.39 23.19
C ILE D 2 -3.67 -10.81 21.72
N LYS D 3 -2.74 -11.72 21.41
CA LYS D 3 -2.58 -12.25 20.07
C LYS D 3 -3.49 -13.45 19.89
N MET D 4 -4.21 -13.49 18.76
CA MET D 4 -5.05 -14.62 18.41
C MET D 4 -4.41 -15.37 17.24
N THR D 5 -4.04 -16.63 17.48
CA THR D 5 -3.31 -17.43 16.50
C THR D 5 -4.16 -18.64 16.13
N GLN D 6 -4.52 -18.74 14.85
CA GLN D 6 -5.30 -19.85 14.32
C GLN D 6 -4.42 -20.79 13.52
N THR D 7 -4.60 -22.08 13.74
CA THR D 7 -3.90 -23.13 12.99
C THR D 7 -4.85 -24.30 12.74
N PRO D 8 -4.69 -25.01 11.62
CA PRO D 8 -3.79 -24.76 10.48
C PRO D 8 -4.38 -23.61 9.67
N SER D 9 -3.65 -23.05 8.72
CA SER D 9 -4.24 -22.03 7.88
C SER D 9 -5.19 -22.62 6.84
N SER D 10 -5.06 -23.91 6.53
CA SER D 10 -5.96 -24.57 5.59
C SER D 10 -6.05 -26.04 5.95
N VAL D 11 -7.24 -26.62 5.79
CA VAL D 11 -7.46 -28.05 5.94
C VAL D 11 -8.47 -28.54 4.91
N SER D 12 -8.29 -29.79 4.51
CA SER D 12 -9.23 -30.49 3.64
C SER D 12 -9.86 -31.63 4.42
N ALA D 13 -11.12 -31.91 4.13
CA ALA D 13 -11.81 -33.04 4.75
C ALA D 13 -12.79 -33.61 3.74
N ALA D 14 -12.91 -34.93 3.72
CA ALA D 14 -13.90 -35.60 2.90
C ALA D 14 -15.30 -35.32 3.45
N VAL D 15 -16.27 -35.21 2.54
CA VAL D 15 -17.67 -35.20 2.96
C VAL D 15 -17.91 -36.36 3.92
N GLY D 16 -18.53 -36.05 5.06
CA GLY D 16 -18.71 -37.02 6.11
C GLY D 16 -17.54 -37.17 7.05
N GLY D 17 -16.41 -36.51 6.77
CA GLY D 17 -15.27 -36.51 7.66
C GLY D 17 -15.49 -35.57 8.84
N THR D 18 -14.41 -35.38 9.60
CA THR D 18 -14.39 -34.48 10.74
C THR D 18 -13.15 -33.61 10.64
N VAL D 19 -13.32 -32.30 10.79
CA VAL D 19 -12.21 -31.35 10.82
C VAL D 19 -12.19 -30.64 12.15
N THR D 20 -11.00 -30.48 12.71
CA THR D 20 -10.80 -29.77 13.95
C THR D 20 -9.78 -28.67 13.69
N ILE D 21 -10.09 -27.45 14.13
CA ILE D 21 -9.18 -26.33 13.97
C ILE D 21 -9.04 -25.61 15.31
N ASN D 22 -7.86 -25.03 15.52
CA ASN D 22 -7.48 -24.57 16.84
C ASN D 22 -7.30 -23.07 16.86
N CYS D 23 -7.56 -22.49 18.01
CA CYS D 23 -7.46 -21.04 18.22
C CYS D 23 -6.72 -20.83 19.52
N GLN D 24 -5.59 -20.16 19.46
CA GLN D 24 -4.77 -19.91 20.64
C GLN D 24 -4.76 -18.42 20.94
N ALA D 25 -4.88 -18.10 22.23
CA ALA D 25 -4.83 -16.73 22.71
C ALA D 25 -3.58 -16.55 23.55
N SER D 26 -2.94 -15.38 23.44
CA SER D 26 -1.67 -15.17 24.12
C SER D 26 -1.83 -15.03 25.63
N GLU D 27 -3.05 -14.85 26.13
CA GLU D 27 -3.32 -14.91 27.57
C GLU D 27 -4.76 -15.35 27.78
N ASP D 28 -5.10 -15.58 29.05
CA ASP D 28 -6.43 -16.06 29.44
C ASP D 28 -7.51 -15.09 29.00
N ILE D 29 -8.38 -15.50 28.05
CA ILE D 29 -9.52 -14.69 27.67
C ILE D 29 -10.82 -15.24 28.26
N LYS D 30 -10.73 -16.18 29.20
CA LYS D 30 -11.84 -16.56 30.09
C LYS D 30 -13.09 -16.97 29.31
N ARG D 31 -12.87 -17.68 28.19
CA ARG D 31 -13.94 -18.19 27.34
C ARG D 31 -14.76 -17.08 26.68
N TYR D 32 -14.25 -15.84 26.64
CA TYR D 32 -14.87 -14.79 25.84
C TYR D 32 -14.35 -14.96 24.41
N LEU D 33 -14.97 -15.90 23.69
CA LEU D 33 -14.48 -16.34 22.40
C LEU D 33 -15.65 -16.70 21.49
N ALA D 34 -15.59 -16.20 20.25
CA ALA D 34 -16.59 -16.52 19.24
C ALA D 34 -15.93 -17.12 18.00
N TRP D 35 -16.71 -17.93 17.26
CA TRP D 35 -16.30 -18.49 15.98
C TRP D 35 -17.25 -18.02 14.89
N TYR D 36 -16.72 -17.77 13.70
CA TYR D 36 -17.52 -17.31 12.56
C TYR D 36 -17.25 -18.15 11.33
N GLN D 37 -18.25 -18.22 10.46
CA GLN D 37 -18.13 -18.84 9.14
C GLN D 37 -18.33 -17.74 8.11
N GLN D 38 -17.42 -17.65 7.15
CA GLN D 38 -17.56 -16.68 6.08
C GLN D 38 -17.41 -17.35 4.72
N LYS D 39 -18.39 -17.18 3.89
CA LYS D 39 -18.28 -17.56 2.50
C LYS D 39 -18.01 -16.32 1.64
N PRO D 40 -17.43 -16.51 0.45
CA PRO D 40 -17.08 -15.35 -0.38
C PRO D 40 -18.30 -14.50 -0.70
N GLY D 41 -18.09 -13.18 -0.64
CA GLY D 41 -19.15 -12.23 -0.96
C GLY D 41 -20.29 -12.19 0.02
N GLN D 42 -20.04 -12.54 1.28
CA GLN D 42 -21.04 -12.49 2.33
C GLN D 42 -20.39 -11.98 3.60
N PRO D 43 -21.15 -11.37 4.50
CA PRO D 43 -20.62 -11.07 5.83
C PRO D 43 -20.36 -12.36 6.59
N PRO D 44 -19.46 -12.33 7.57
CA PRO D 44 -19.30 -13.49 8.46
C PRO D 44 -20.60 -13.80 9.19
N LYS D 45 -20.81 -15.08 9.46
CA LYS D 45 -21.95 -15.56 10.22
C LYS D 45 -21.45 -16.13 11.55
N LEU D 46 -22.06 -15.69 12.66
CA LEU D 46 -21.70 -16.24 13.96
C LEU D 46 -22.11 -17.70 14.06
N LEU D 47 -21.17 -18.55 14.48
CA LEU D 47 -21.36 -19.99 14.65
C LEU D 47 -21.42 -20.42 16.11
N ILE D 48 -20.53 -19.88 16.92
CA ILE D 48 -20.30 -20.33 18.29
C ILE D 48 -20.01 -19.09 19.12
N TYR D 49 -20.67 -18.97 20.26
CA TYR D 49 -20.40 -17.88 21.19
C TYR D 49 -20.13 -18.48 22.57
N ALA D 50 -19.50 -17.69 23.43
CA ALA D 50 -19.04 -18.16 24.73
C ALA D 50 -18.31 -19.50 24.64
N ALA D 51 -17.47 -19.64 23.61
CA ALA D 51 -16.55 -20.76 23.41
C ALA D 51 -17.22 -22.05 22.96
N SER D 52 -18.40 -22.36 23.51
CA SER D 52 -18.97 -23.68 23.34
C SER D 52 -20.45 -23.70 23.00
N LYS D 53 -21.11 -22.54 22.92
CA LYS D 53 -22.55 -22.50 22.76
C LYS D 53 -22.91 -22.31 21.29
N LEU D 54 -23.89 -23.08 20.84
CA LEU D 54 -24.33 -23.02 19.44
C LEU D 54 -25.10 -21.74 19.19
N ALA D 55 -24.64 -20.95 18.22
CA ALA D 55 -25.39 -19.76 17.82
C ALA D 55 -26.71 -20.18 17.19
N SER D 56 -27.63 -19.21 17.12
CA SER D 56 -29.01 -19.48 16.73
C SER D 56 -29.07 -19.98 15.29
N GLY D 57 -29.72 -21.13 15.10
CA GLY D 57 -29.85 -21.74 13.80
C GLY D 57 -28.66 -22.55 13.33
N VAL D 58 -27.59 -22.61 14.11
CA VAL D 58 -26.37 -23.28 13.67
C VAL D 58 -26.50 -24.78 13.87
N SER D 59 -26.05 -25.54 12.87
CA SER D 59 -26.12 -26.99 12.93
C SER D 59 -25.26 -27.52 14.07
N SER D 60 -25.79 -28.54 14.76
CA SER D 60 -25.06 -29.17 15.86
C SER D 60 -23.89 -30.02 15.39
N ARG D 61 -23.64 -30.12 14.09
CA ARG D 61 -22.36 -30.68 13.67
C ARG D 61 -21.20 -29.73 13.93
N PHE D 62 -21.48 -28.49 14.33
CA PHE D 62 -20.45 -27.55 14.76
C PHE D 62 -20.33 -27.61 16.28
N LYS D 63 -19.09 -27.75 16.76
CA LYS D 63 -18.84 -27.91 18.19
C LYS D 63 -17.64 -27.07 18.59
N GLY D 64 -17.85 -26.20 19.58
CA GLY D 64 -16.79 -25.37 20.13
C GLY D 64 -16.41 -25.90 21.51
N SER D 65 -15.11 -25.86 21.80
CA SER D 65 -14.61 -26.25 23.10
C SER D 65 -13.44 -25.36 23.50
N GLY D 66 -13.12 -25.37 24.79
CA GLY D 66 -11.87 -24.79 25.25
C GLY D 66 -12.06 -23.84 26.41
N SER D 67 -10.92 -23.41 26.94
CA SER D 67 -10.85 -22.60 28.15
C SER D 67 -9.46 -21.96 28.20
N GLY D 68 -9.31 -21.00 29.09
CA GLY D 68 -8.04 -20.31 29.22
C GLY D 68 -7.50 -19.79 27.91
N THR D 69 -6.45 -20.43 27.40
CA THR D 69 -5.70 -19.95 26.25
C THR D 69 -5.86 -20.80 25.00
N GLU D 70 -6.61 -21.90 25.06
CA GLU D 70 -6.69 -22.85 23.96
C GLU D 70 -8.14 -23.14 23.61
N TYR D 71 -8.48 -23.01 22.34
CA TYR D 71 -9.86 -23.18 21.88
C TYR D 71 -9.87 -23.94 20.56
N THR D 72 -10.98 -24.66 20.34
CA THR D 72 -11.12 -25.61 19.25
C THR D 72 -12.50 -25.48 18.61
N LEU D 73 -12.55 -25.55 17.28
CA LEU D 73 -13.80 -25.75 16.54
C LEU D 73 -13.73 -27.09 15.80
N THR D 74 -14.75 -27.91 15.99
CA THR D 74 -14.84 -29.23 15.37
C THR D 74 -16.08 -29.27 14.49
N ILE D 75 -15.89 -29.59 13.20
CA ILE D 75 -16.99 -29.89 12.30
C ILE D 75 -17.04 -31.40 12.12
N SER D 76 -18.15 -32.02 12.50
CA SER D 76 -18.29 -33.46 12.39
C SER D 76 -19.37 -33.81 11.38
N GLY D 77 -19.07 -34.74 10.50
CA GLY D 77 -19.95 -35.03 9.37
C GLY D 77 -19.94 -33.90 8.36
N VAL D 78 -18.73 -33.48 7.95
CA VAL D 78 -18.58 -32.30 7.10
C VAL D 78 -19.44 -32.45 5.84
N GLN D 79 -20.01 -31.34 5.40
CA GLN D 79 -20.83 -31.30 4.19
C GLN D 79 -20.29 -30.22 3.27
N CYS D 80 -20.63 -30.32 1.98
CA CYS D 80 -20.17 -29.32 1.03
C CYS D 80 -20.57 -27.91 1.46
N ASP D 81 -21.71 -27.78 2.14
CA ASP D 81 -22.16 -26.48 2.64
C ASP D 81 -21.22 -25.89 3.68
N ASP D 82 -20.31 -26.68 4.23
CA ASP D 82 -19.37 -26.19 5.24
C ASP D 82 -18.12 -25.59 4.65
N ALA D 83 -17.90 -25.73 3.34
CA ALA D 83 -16.77 -25.11 2.68
C ALA D 83 -16.83 -23.61 2.89
N ALA D 84 -15.81 -23.07 3.56
CA ALA D 84 -15.78 -21.67 3.96
C ALA D 84 -14.47 -21.36 4.66
N THR D 85 -14.29 -20.11 5.06
CA THR D 85 -13.18 -19.73 5.93
C THR D 85 -13.75 -19.43 7.31
N TYR D 86 -13.08 -19.94 8.33
CA TYR D 86 -13.53 -19.84 9.71
C TYR D 86 -12.57 -18.97 10.50
N TYR D 87 -13.12 -18.10 11.35
CA TYR D 87 -12.35 -17.20 12.19
C TYR D 87 -12.77 -17.35 13.64
N CYS D 88 -11.80 -17.34 14.54
CA CYS D 88 -12.13 -17.10 15.93
C CYS D 88 -11.94 -15.62 16.25
N GLN D 89 -12.50 -15.20 17.38
CA GLN D 89 -12.44 -13.80 17.80
C GLN D 89 -12.54 -13.73 19.31
N GLN D 90 -11.64 -12.97 19.94
CA GLN D 90 -11.70 -12.75 21.37
C GLN D 90 -12.61 -11.56 21.65
N GLY D 91 -13.47 -11.73 22.67
CA GLY D 91 -14.38 -10.68 23.07
C GLY D 91 -14.10 -10.24 24.49
N TYR D 92 -12.87 -10.46 24.95
CA TYR D 92 -12.49 -10.21 26.33
C TYR D 92 -12.05 -8.75 26.53
N THR D 93 -11.42 -8.14 25.54
CA THR D 93 -10.98 -6.76 25.69
C THR D 93 -11.01 -6.05 24.35
N SER D 94 -11.23 -4.73 24.41
CA SER D 94 -11.11 -3.85 23.27
C SER D 94 -9.84 -3.03 23.30
N SER D 95 -9.06 -3.14 24.38
CA SER D 95 -7.96 -2.24 24.67
C SER D 95 -6.62 -2.88 24.30
N ASN D 96 -5.79 -2.12 23.59
CA ASN D 96 -4.45 -2.55 23.20
C ASN D 96 -4.52 -3.82 22.35
N VAL D 97 -5.33 -3.77 21.29
CA VAL D 97 -5.61 -4.90 20.42
C VAL D 97 -5.01 -4.61 19.05
N ASN D 98 -4.24 -5.58 18.53
CA ASN D 98 -3.81 -5.48 17.14
C ASN D 98 -4.88 -6.05 16.20
N ASN D 99 -5.42 -7.22 16.53
CA ASN D 99 -6.62 -7.73 15.87
C ASN D 99 -7.37 -8.63 16.85
N ALA D 100 -8.68 -8.41 16.96
CA ALA D 100 -9.51 -9.29 17.79
C ALA D 100 -9.72 -10.65 17.14
N PHE D 101 -9.57 -10.74 15.82
CA PHE D 101 -9.77 -11.98 15.07
C PHE D 101 -8.46 -12.72 14.91
N GLY D 102 -8.57 -14.05 14.88
CA GLY D 102 -7.48 -14.87 14.39
C GLY D 102 -7.33 -14.70 12.89
N GLY D 103 -6.29 -15.33 12.34
CA GLY D 103 -5.96 -15.17 10.94
C GLY D 103 -6.86 -15.91 9.97
N GLY D 104 -7.68 -16.83 10.45
CA GLY D 104 -8.58 -17.51 9.56
C GLY D 104 -8.08 -18.88 9.16
N THR D 105 -9.03 -19.77 8.85
CA THR D 105 -8.73 -21.14 8.42
C THR D 105 -9.67 -21.48 7.28
N GLU D 106 -9.12 -21.69 6.09
CA GLU D 106 -9.90 -22.14 4.95
C GLU D 106 -10.19 -23.62 5.07
N VAL D 107 -11.44 -24.01 4.90
CA VAL D 107 -11.85 -25.41 4.95
C VAL D 107 -12.33 -25.80 3.56
N VAL D 108 -11.62 -26.74 2.94
CA VAL D 108 -11.96 -27.28 1.62
C VAL D 108 -12.58 -28.65 1.83
N VAL D 109 -13.74 -28.87 1.22
CA VAL D 109 -14.52 -30.09 1.41
C VAL D 109 -14.39 -30.94 0.15
N LYS D 110 -13.96 -32.18 0.33
CA LYS D 110 -13.71 -33.07 -0.80
C LYS D 110 -14.96 -33.89 -1.08
N GLY D 111 -15.68 -33.50 -2.13
CA GLY D 111 -16.82 -34.25 -2.61
C GLY D 111 -16.40 -35.24 -3.68
N ASP D 112 -17.38 -35.77 -4.40
CA ASP D 112 -17.07 -36.71 -5.47
C ASP D 112 -16.26 -35.99 -6.53
N PRO D 113 -15.22 -36.62 -7.08
CA PRO D 113 -14.44 -35.97 -8.12
C PRO D 113 -15.25 -35.84 -9.41
N VAL D 114 -15.02 -34.73 -10.10
CA VAL D 114 -15.69 -34.43 -11.36
C VAL D 114 -14.65 -33.78 -12.27
N ALA D 115 -14.50 -34.33 -13.48
CA ALA D 115 -13.52 -33.80 -14.42
C ALA D 115 -14.11 -32.58 -15.12
N PRO D 116 -13.30 -31.55 -15.39
CA PRO D 116 -13.82 -30.35 -16.05
C PRO D 116 -14.07 -30.57 -17.53
N THR D 117 -14.95 -29.74 -18.08
CA THR D 117 -14.99 -29.42 -19.49
C THR D 117 -14.59 -27.95 -19.66
N VAL D 118 -14.16 -27.58 -20.86
CA VAL D 118 -13.58 -26.26 -21.06
C VAL D 118 -14.28 -25.57 -22.22
N LEU D 119 -14.47 -24.26 -22.10
CA LEU D 119 -15.06 -23.41 -23.11
C LEU D 119 -14.12 -22.25 -23.39
N ILE D 120 -13.94 -21.89 -24.65
CA ILE D 120 -13.20 -20.67 -24.99
C ILE D 120 -14.12 -19.72 -25.75
N PHE D 121 -14.00 -18.44 -25.44
CA PHE D 121 -14.82 -17.39 -26.04
C PHE D 121 -13.90 -16.43 -26.77
N PRO D 122 -13.83 -16.48 -28.10
CA PRO D 122 -13.00 -15.52 -28.83
C PRO D 122 -13.53 -14.11 -28.65
N PRO D 123 -12.69 -13.09 -28.82
CA PRO D 123 -13.11 -11.71 -28.52
C PRO D 123 -14.17 -11.23 -29.49
N ALA D 124 -15.21 -10.59 -28.93
CA ALA D 124 -16.20 -9.93 -29.78
C ALA D 124 -15.50 -8.98 -30.74
N ALA D 125 -16.13 -8.74 -31.87
CA ALA D 125 -15.50 -7.99 -32.97
C ALA D 125 -15.19 -6.56 -32.56
N ASP D 126 -15.94 -5.98 -31.63
CA ASP D 126 -15.72 -4.59 -31.26
C ASP D 126 -14.64 -4.40 -30.21
N GLN D 127 -13.96 -5.47 -29.78
CA GLN D 127 -12.89 -5.32 -28.80
C GLN D 127 -11.64 -4.71 -29.42
N VAL D 128 -11.24 -5.21 -30.59
CA VAL D 128 -9.89 -4.93 -31.08
C VAL D 128 -9.68 -3.44 -31.32
N ALA D 129 -10.74 -2.70 -31.68
CA ALA D 129 -10.59 -1.27 -31.89
C ALA D 129 -10.26 -0.51 -30.60
N THR D 130 -10.57 -1.09 -29.44
CA THR D 130 -10.26 -0.43 -28.17
C THR D 130 -8.77 -0.41 -27.85
N GLY D 131 -7.96 -1.18 -28.57
CA GLY D 131 -6.54 -1.26 -28.31
C GLY D 131 -6.11 -2.44 -27.47
N THR D 132 -7.04 -3.11 -26.81
CA THR D 132 -6.74 -4.35 -26.10
C THR D 132 -7.80 -5.40 -26.46
N VAL D 133 -7.42 -6.65 -26.28
CA VAL D 133 -8.26 -7.80 -26.62
C VAL D 133 -8.25 -8.75 -25.44
N THR D 134 -9.43 -9.17 -25.00
CA THR D 134 -9.55 -10.04 -23.83
C THR D 134 -10.28 -11.32 -24.24
N ILE D 135 -9.59 -12.47 -24.07
CA ILE D 135 -10.14 -13.79 -24.39
C ILE D 135 -10.54 -14.45 -23.09
N VAL D 136 -11.70 -15.09 -23.07
CA VAL D 136 -12.23 -15.69 -21.84
C VAL D 136 -12.29 -17.20 -22.02
N CYS D 137 -11.78 -17.92 -21.01
CA CYS D 137 -11.85 -19.37 -20.91
C CYS D 137 -12.58 -19.73 -19.63
N VAL D 138 -13.40 -20.78 -19.68
CA VAL D 138 -14.19 -21.24 -18.54
C VAL D 138 -13.97 -22.73 -18.36
N ALA D 139 -13.61 -23.12 -17.13
CA ALA D 139 -13.54 -24.51 -16.71
C ALA D 139 -14.82 -24.82 -15.94
N ASN D 140 -15.59 -25.79 -16.44
CA ASN D 140 -16.93 -26.09 -15.92
C ASN D 140 -16.91 -27.16 -14.83
N LYS D 141 -17.63 -26.88 -13.73
CA LYS D 141 -18.10 -27.84 -12.74
C LYS D 141 -17.12 -28.96 -12.45
N TYR D 142 -16.13 -28.73 -11.60
CA TYR D 142 -15.06 -29.69 -11.44
C TYR D 142 -14.62 -29.80 -9.99
N PHE D 143 -14.07 -30.95 -9.65
CA PHE D 143 -13.33 -31.14 -8.40
C PHE D 143 -12.40 -32.33 -8.52
N PRO D 144 -11.16 -32.23 -8.00
CA PRO D 144 -10.47 -31.15 -7.26
C PRO D 144 -9.96 -30.00 -8.15
N ASP D 145 -9.14 -29.12 -7.59
CA ASP D 145 -8.66 -27.93 -8.28
C ASP D 145 -7.94 -28.28 -9.58
N VAL D 146 -7.94 -27.32 -10.51
CA VAL D 146 -7.24 -27.44 -11.79
C VAL D 146 -6.19 -26.34 -11.90
N THR D 147 -5.31 -26.49 -12.90
CA THR D 147 -4.40 -25.46 -13.37
C THR D 147 -4.82 -25.04 -14.78
N VAL D 148 -4.73 -23.75 -15.08
CA VAL D 148 -5.04 -23.25 -16.41
C VAL D 148 -3.74 -22.77 -17.06
N THR D 149 -3.57 -23.14 -18.33
CA THR D 149 -2.42 -22.75 -19.14
C THR D 149 -2.94 -22.10 -20.42
N TRP D 150 -2.36 -20.95 -20.78
CA TRP D 150 -2.66 -20.28 -22.03
C TRP D 150 -1.49 -20.47 -22.99
N GLU D 151 -1.80 -20.81 -24.24
CA GLU D 151 -0.79 -20.91 -25.28
C GLU D 151 -1.20 -20.04 -26.46
N VAL D 152 -0.24 -19.27 -26.95
CA VAL D 152 -0.42 -18.40 -28.11
C VAL D 152 0.57 -18.87 -29.17
N ASP D 153 0.06 -19.36 -30.29
CA ASP D 153 0.90 -20.03 -31.28
C ASP D 153 1.85 -21.02 -30.63
N GLY D 154 1.33 -21.76 -29.65
CA GLY D 154 2.07 -22.82 -28.99
C GLY D 154 2.95 -22.40 -27.82
N THR D 155 3.11 -21.11 -27.57
CA THR D 155 3.99 -20.61 -26.53
C THR D 155 3.19 -20.32 -25.27
N THR D 156 3.62 -20.88 -24.14
CA THR D 156 2.92 -20.66 -22.88
C THR D 156 3.01 -19.20 -22.46
N GLN D 157 1.88 -18.63 -22.05
CA GLN D 157 1.81 -17.24 -21.58
C GLN D 157 2.03 -17.18 -20.08
N THR D 158 2.74 -16.15 -19.62
CA THR D 158 2.96 -15.96 -18.19
C THR D 158 2.56 -14.57 -17.69
N THR D 159 2.01 -13.72 -18.54
CA THR D 159 1.55 -12.40 -18.14
C THR D 159 0.20 -12.13 -18.77
N GLY D 160 -0.54 -11.18 -18.20
CA GLY D 160 -1.84 -10.80 -18.73
C GLY D 160 -2.98 -11.74 -18.42
N ILE D 161 -2.79 -12.66 -17.46
CA ILE D 161 -3.80 -13.66 -17.12
C ILE D 161 -4.40 -13.31 -15.75
N GLU D 162 -5.72 -13.32 -15.67
CA GLU D 162 -6.46 -13.23 -14.41
C GLU D 162 -7.39 -14.43 -14.29
N ASN D 163 -7.49 -14.99 -13.09
CA ASN D 163 -8.33 -16.14 -12.81
C ASN D 163 -9.29 -15.82 -11.68
N SER D 164 -10.53 -16.32 -11.79
CA SER D 164 -11.47 -16.18 -10.68
C SER D 164 -12.33 -17.42 -10.59
N LYS D 165 -12.42 -17.95 -9.37
CA LYS D 165 -13.03 -19.25 -9.11
C LYS D 165 -14.27 -19.02 -8.28
N THR D 166 -15.39 -19.63 -8.67
CA THR D 166 -16.56 -19.60 -7.81
C THR D 166 -16.30 -20.40 -6.54
N PRO D 167 -16.98 -20.09 -5.45
CA PRO D 167 -16.86 -20.92 -4.25
C PRO D 167 -17.40 -22.31 -4.51
N GLN D 168 -16.95 -23.26 -3.68
CA GLN D 168 -17.45 -24.63 -3.80
C GLN D 168 -18.97 -24.63 -3.74
N ASN D 169 -19.58 -25.35 -4.67
CA ASN D 169 -21.03 -25.54 -4.66
C ASN D 169 -21.48 -26.18 -3.35
N SER D 170 -22.47 -25.56 -2.69
CA SER D 170 -22.89 -26.06 -1.38
C SER D 170 -23.60 -27.40 -1.46
N ALA D 171 -23.95 -27.88 -2.65
CA ALA D 171 -24.58 -29.18 -2.82
C ALA D 171 -23.60 -30.28 -3.22
N ASP D 172 -22.68 -30.00 -4.16
CA ASP D 172 -21.82 -31.04 -4.71
C ASP D 172 -20.33 -30.74 -4.60
N CYS D 173 -19.93 -29.61 -4.00
CA CYS D 173 -18.55 -29.23 -3.72
C CYS D 173 -17.77 -28.75 -4.96
N THR D 174 -18.38 -28.72 -6.14
CA THR D 174 -17.63 -28.44 -7.35
C THR D 174 -17.32 -26.95 -7.49
N TYR D 175 -16.25 -26.66 -8.22
CA TYR D 175 -15.82 -25.32 -8.58
C TYR D 175 -16.20 -25.02 -10.03
N ASN D 176 -16.22 -23.72 -10.34
CA ASN D 176 -16.14 -23.24 -11.70
C ASN D 176 -15.06 -22.17 -11.75
N LEU D 177 -14.48 -21.96 -12.94
CA LEU D 177 -13.31 -21.12 -13.09
C LEU D 177 -13.40 -20.31 -14.36
N SER D 178 -13.20 -19.00 -14.26
CA SER D 178 -12.95 -18.17 -15.43
C SER D 178 -11.49 -17.80 -15.45
N SER D 179 -10.88 -17.91 -16.63
CA SER D 179 -9.52 -17.45 -16.89
C SER D 179 -9.57 -16.51 -18.07
N THR D 180 -8.97 -15.33 -17.94
CA THR D 180 -8.97 -14.37 -19.04
C THR D 180 -7.54 -13.98 -19.39
N LEU D 181 -7.28 -13.93 -20.70
CA LEU D 181 -6.01 -13.49 -21.25
C LEU D 181 -6.25 -12.17 -21.96
N THR D 182 -5.50 -11.13 -21.55
CA THR D 182 -5.59 -9.81 -22.15
C THR D 182 -4.32 -9.50 -22.92
N LEU D 183 -4.47 -9.06 -24.16
CA LEU D 183 -3.35 -8.71 -25.02
C LEU D 183 -3.60 -7.34 -25.64
N THR D 184 -2.53 -6.67 -26.05
CA THR D 184 -2.72 -5.50 -26.91
C THR D 184 -3.29 -5.94 -28.24
N SER D 185 -3.99 -5.03 -28.91
CA SER D 185 -4.51 -5.35 -30.24
C SER D 185 -3.37 -5.74 -31.19
N THR D 186 -2.22 -5.10 -31.07
CA THR D 186 -1.07 -5.44 -31.91
C THR D 186 -0.60 -6.87 -31.65
N GLN D 187 -0.48 -7.26 -30.38
CA GLN D 187 -0.13 -8.63 -30.06
C GLN D 187 -1.16 -9.61 -30.63
N TYR D 188 -2.44 -9.31 -30.44
CA TYR D 188 -3.48 -10.24 -30.88
C TYR D 188 -3.45 -10.43 -32.38
N ASN D 189 -3.32 -9.34 -33.14
CA ASN D 189 -3.28 -9.40 -34.60
C ASN D 189 -1.99 -9.99 -35.14
N SER D 190 -1.00 -10.27 -34.29
CA SER D 190 0.27 -10.83 -34.70
C SER D 190 0.35 -12.33 -34.49
N HIS D 191 -0.70 -12.96 -33.98
CA HIS D 191 -0.70 -14.38 -33.69
C HIS D 191 -2.00 -15.02 -34.11
N LYS D 192 -1.97 -16.34 -34.29
CA LYS D 192 -3.08 -17.03 -34.93
C LYS D 192 -3.84 -17.93 -33.99
N GLU D 193 -3.15 -18.84 -33.27
CA GLU D 193 -3.82 -19.88 -32.47
C GLU D 193 -3.84 -19.48 -31.01
N TYR D 194 -5.04 -19.49 -30.41
CA TYR D 194 -5.23 -19.18 -29.00
C TYR D 194 -5.84 -20.40 -28.30
N THR D 195 -5.12 -20.95 -27.32
CA THR D 195 -5.53 -22.19 -26.68
C THR D 195 -5.59 -22.03 -25.17
N CYS D 196 -6.67 -22.52 -24.59
CA CYS D 196 -6.82 -22.62 -23.14
C CYS D 196 -6.74 -24.08 -22.78
N LYS D 197 -5.75 -24.44 -21.95
CA LYS D 197 -5.57 -25.80 -21.47
C LYS D 197 -5.86 -25.87 -19.98
N VAL D 198 -6.68 -26.83 -19.58
CA VAL D 198 -7.07 -27.03 -18.19
C VAL D 198 -6.57 -28.39 -17.74
N THR D 199 -5.78 -28.43 -16.67
CA THR D 199 -5.17 -29.66 -16.20
C THR D 199 -5.67 -29.97 -14.81
N GLN D 200 -6.24 -31.17 -14.65
CA GLN D 200 -6.64 -31.69 -13.34
C GLN D 200 -5.83 -32.95 -13.08
N GLY D 201 -4.95 -32.89 -12.08
CA GLY D 201 -4.05 -34.01 -11.84
C GLY D 201 -3.13 -34.20 -13.04
N THR D 202 -3.24 -35.36 -13.70
CA THR D 202 -2.44 -35.67 -14.88
C THR D 202 -3.23 -35.60 -16.17
N THR D 203 -4.44 -35.02 -16.15
CA THR D 203 -5.37 -35.12 -17.27
C THR D 203 -5.71 -33.73 -17.76
N SER D 204 -5.50 -33.49 -19.05
CA SER D 204 -5.75 -32.18 -19.62
C SER D 204 -6.86 -32.23 -20.66
N VAL D 205 -7.62 -31.13 -20.71
CA VAL D 205 -8.57 -30.82 -21.77
C VAL D 205 -8.26 -29.43 -22.28
N VAL D 206 -8.69 -29.15 -23.51
CA VAL D 206 -8.33 -27.92 -24.20
C VAL D 206 -9.50 -27.41 -25.01
N GLN D 207 -9.57 -26.09 -25.18
CA GLN D 207 -10.29 -25.51 -26.31
C GLN D 207 -9.40 -24.44 -26.92
N SER D 208 -9.60 -24.22 -28.23
CA SER D 208 -8.69 -23.40 -29.01
C SER D 208 -9.47 -22.80 -30.18
N PHE D 209 -8.99 -21.66 -30.67
CA PHE D 209 -9.53 -21.07 -31.89
C PHE D 209 -8.40 -20.36 -32.61
N ASN D 210 -8.60 -20.15 -33.90
CA ASN D 210 -7.67 -19.36 -34.69
C ASN D 210 -8.30 -18.02 -35.02
N ARG D 211 -7.52 -16.95 -34.82
CA ARG D 211 -8.03 -15.59 -34.92
C ARG D 211 -8.82 -15.37 -36.22
N GLY D 212 -8.26 -15.81 -37.35
CA GLY D 212 -8.91 -15.57 -38.62
C GLY D 212 -10.24 -16.28 -38.83
N ASP D 213 -10.62 -17.21 -37.95
CA ASP D 213 -11.82 -18.02 -38.14
C ASP D 213 -13.03 -17.50 -37.36
N CYS D 214 -12.87 -16.52 -36.49
CA CYS D 214 -14.00 -16.03 -35.71
C CYS D 214 -14.04 -14.50 -35.74
N GLY E 1 35.90 -19.46 -2.34
CA GLY E 1 34.61 -19.05 -1.82
C GLY E 1 34.75 -17.93 -0.81
N GLY E 3 35.01 -16.03 2.45
CA GLY E 3 35.42 -16.41 3.79
C GLY E 3 36.44 -17.53 3.82
N ALA E 4 36.81 -18.03 2.65
CA ALA E 4 37.78 -19.12 2.52
C ALA E 4 39.19 -18.63 2.74
#